data_6UVP
#
_entry.id   6UVP
#
_cell.length_a   86.548
_cell.length_b   90.294
_cell.length_c   131.583
_cell.angle_alpha   90.000
_cell.angle_beta   90.000
_cell.angle_gamma   90.000
#
_symmetry.space_group_name_H-M   'P 21 21 21'
#
loop_
_entity.id
_entity.type
_entity.pdbx_description
1 polymer 'Beta-secretase 1'
2 non-polymer N-{(1S,2S)-2-[(4aS,7aR)-2-amino-4a,5-dihydro-4H-furo[3,4-d][1,3]thiazin-7a(7H)-yl]cyclopropyl}-5-fluoropyridine-2-carboxamide
3 non-polymer N-{(1R,2R)-2-[(4aS,7aR)-2-amino-4a,5-dihydro-4H-furo[3,4-d][1,3]thiazin-7a(7H)-yl]cyclopropyl}-5-fluoropyridine-2-carboxamide
4 non-polymer GLYCEROL
5 non-polymer 'SULFATE ION'
6 water water
#
_entity_poly.entity_id   1
_entity_poly.type   'polypeptide(L)'
_entity_poly.pdbx_seq_one_letter_code
;MAGVLPAHGTQHGIRLPLRSGLGGAPLGLRLPRETDEEPEEPGRRGSFVEMVDNLRGKSGQGYYVEMTVGSPPQTLNILV
DTGSSNFAVGAAPHPFLHRYYQRQLSSTYRDLRKGVYVPYTQGKWEGELGTDLVSIPHGPNVTVRANIAAITESDKFFIN
GSNWEGILGLAYAEIARPDDSLEPFFDSLVKQTHVPNLFSLQLCGAGFPLNQSEVLASVGGSMIIGGIDHSLYTGSLWYT
PIRREWYYEVIIVRVEINGQDLKMDCKEYNYDKSIVDSGTTNLRLPKKVFEAAVKSIKAASSTEKFPDGFWLGEQLVCWQ
AGTTPWNIFPVISLYLMGEVTNQSFRITILPQQYLRPVEDVATSQDDCYKFAISQSSTGTVMGAVIMEGFYVVFDRARKR
IGFAVSACHVHDEFRTAAVEGPFVTLDMEDCGYNIPQTDEST
;
_entity_poly.pdbx_strand_id   A,B
#
loop_
_chem_comp.id
_chem_comp.type
_chem_comp.name
_chem_comp.formula
GOL non-polymer GLYCEROL 'C3 H8 O3'
QJJ non-polymer N-{(1S,2S)-2-[(4aS,7aR)-2-amino-4a,5-dihydro-4H-furo[3,4-d][1,3]thiazin-7a(7H)-yl]cyclopropyl}-5-fluoropyridine-2-carboxamide 'C15 H17 F N4 O2 S'
QJM non-polymer N-{(1R,2R)-2-[(4aS,7aR)-2-amino-4a,5-dihydro-4H-furo[3,4-d][1,3]thiazin-7a(7H)-yl]cyclopropyl}-5-fluoropyridine-2-carboxamide 'C15 H17 F N4 O2 S'
SO4 non-polymer 'SULFATE ION' 'O4 S -2'
#
# COMPACT_ATOMS: atom_id res chain seq x y z
N ARG A 44 23.31 6.51 -15.43
CA ARG A 44 23.68 7.01 -14.06
C ARG A 44 23.50 5.89 -13.02
N ARG A 45 24.52 5.71 -12.18
CA ARG A 45 24.47 4.74 -11.09
C ARG A 45 24.02 5.44 -9.80
N GLY A 46 23.32 4.67 -8.94
CA GLY A 46 22.99 5.13 -7.60
C GLY A 46 23.94 4.54 -6.55
N SER A 47 24.81 5.38 -6.00
CA SER A 47 25.90 4.87 -5.20
C SER A 47 25.61 4.99 -3.71
N PHE A 48 24.38 5.39 -3.31
CA PHE A 48 24.09 5.48 -1.87
C PHE A 48 22.84 4.69 -1.48
N VAL A 49 22.84 3.39 -1.83
CA VAL A 49 21.66 2.55 -1.68
C VAL A 49 21.21 2.50 -0.21
N GLU A 50 22.16 2.55 0.73
CA GLU A 50 21.84 2.42 2.16
C GLU A 50 20.99 3.61 2.65
N MET A 51 21.05 4.75 1.96
CA MET A 51 20.31 5.94 2.40
C MET A 51 19.09 6.24 1.53
N VAL A 52 18.99 5.64 0.35
CA VAL A 52 17.83 5.89 -0.48
C VAL A 52 16.58 5.36 0.24
N ASP A 53 15.49 6.15 0.23
CA ASP A 53 14.21 5.75 0.78
C ASP A 53 14.24 5.76 2.31
N ASN A 54 15.08 6.62 2.91
CA ASN A 54 15.18 6.65 4.37
C ASN A 54 14.25 7.68 5.01
N LEU A 55 13.43 8.40 4.21
CA LEU A 55 12.49 9.37 4.78
C LEU A 55 11.06 8.83 4.73
N ARG A 56 10.22 9.36 5.63
CA ARG A 56 8.77 9.19 5.57
C ARG A 56 8.15 10.56 5.82
N GLY A 57 6.86 10.69 5.48
CA GLY A 57 6.09 11.88 5.80
C GLY A 57 5.47 12.50 4.55
N LYS A 58 5.12 13.77 4.69
CA LYS A 58 4.39 14.47 3.63
C LYS A 58 4.48 15.97 3.89
N SER A 59 4.12 16.77 2.88
CA SER A 59 4.36 18.21 2.95
C SER A 59 3.59 18.86 4.10
N GLY A 60 2.38 18.39 4.39
CA GLY A 60 1.57 19.02 5.42
C GLY A 60 2.13 18.87 6.85
N GLN A 61 2.85 17.78 7.11
CA GLN A 61 3.26 17.45 8.48
C GLN A 61 4.77 17.28 8.63
N GLY A 62 5.50 17.27 7.50
CA GLY A 62 6.95 17.21 7.54
C GLY A 62 7.48 15.84 7.16
N TYR A 63 8.74 15.83 6.73
CA TYR A 63 9.45 14.61 6.36
C TYR A 63 10.47 14.30 7.44
N TYR A 64 10.55 13.03 7.85
CA TYR A 64 11.38 12.67 8.98
C TYR A 64 12.25 11.46 8.67
N VAL A 65 13.34 11.36 9.44
CA VAL A 65 14.32 10.30 9.35
C VAL A 65 14.43 9.62 10.73
N GLU A 66 14.72 8.32 10.75
CA GLU A 66 14.94 7.62 12.01
C GLU A 66 16.35 7.95 12.51
N MET A 67 16.45 8.23 13.81
CA MET A 67 17.74 8.46 14.46
C MET A 67 17.75 7.70 15.76
N THR A 68 18.96 7.48 16.29
CA THR A 68 19.05 6.98 17.65
C THR A 68 19.87 7.96 18.47
N VAL A 69 19.52 8.04 19.75
CA VAL A 69 20.26 8.87 20.69
C VAL A 69 20.56 8.03 21.93
N GLY A 70 21.75 8.22 22.50
CA GLY A 70 22.04 7.61 23.80
C GLY A 70 22.58 6.18 23.73
N SER A 71 22.94 5.66 24.92
CA SER A 71 23.51 4.33 25.09
C SER A 71 22.78 3.66 26.25
N PRO A 72 22.05 2.56 26.00
CA PRO A 72 21.82 1.95 24.70
C PRO A 72 20.98 2.84 23.79
N PRO A 73 21.00 2.63 22.45
CA PRO A 73 20.30 3.54 21.54
C PRO A 73 18.79 3.62 21.75
N GLN A 74 18.29 4.86 21.80
CA GLN A 74 16.87 5.16 21.85
C GLN A 74 16.45 5.65 20.46
N THR A 75 15.52 4.93 19.83
CA THR A 75 15.10 5.28 18.48
C THR A 75 14.03 6.39 18.54
N LEU A 76 14.20 7.40 17.67
CA LEU A 76 13.24 8.48 17.54
C LEU A 76 13.11 8.86 16.07
N ASN A 77 11.92 9.33 15.69
CA ASN A 77 11.70 9.89 14.37
C ASN A 77 11.93 11.39 14.42
N ILE A 78 12.74 11.90 13.49
CA ILE A 78 13.22 13.28 13.59
C ILE A 78 12.93 14.06 12.30
N LEU A 79 12.21 15.19 12.42
CA LEU A 79 11.91 16.07 11.29
C LEU A 79 13.19 16.61 10.66
N VAL A 80 13.28 16.54 9.32
CA VAL A 80 14.42 17.09 8.60
C VAL A 80 14.09 18.55 8.29
N ASP A 81 14.89 19.48 8.87
CA ASP A 81 14.55 20.89 8.80
C ASP A 81 15.76 21.73 8.38
N THR A 82 15.78 22.13 7.11
CA THR A 82 16.87 22.96 6.59
C THR A 82 16.68 24.43 6.96
N GLY A 83 15.60 24.78 7.66
CA GLY A 83 15.38 26.19 8.05
C GLY A 83 15.63 26.51 9.54
N SER A 84 16.30 25.60 10.26
CA SER A 84 16.72 25.87 11.65
C SER A 84 18.01 25.10 11.92
N SER A 85 18.58 25.30 13.12
CA SER A 85 19.94 24.82 13.36
C SER A 85 20.10 24.08 14.68
N ASN A 86 19.00 23.76 15.37
CA ASN A 86 19.06 22.99 16.61
C ASN A 86 18.59 21.56 16.38
N PHE A 87 19.29 20.63 17.05
CA PHE A 87 18.81 19.26 17.19
C PHE A 87 18.05 19.21 18.51
N ALA A 88 16.73 19.01 18.43
CA ALA A 88 15.89 19.12 19.61
C ALA A 88 14.90 17.96 19.60
N VAL A 89 14.79 17.28 20.74
CA VAL A 89 13.96 16.09 20.78
C VAL A 89 13.02 16.15 21.98
N GLY A 90 11.79 15.64 21.81
CA GLY A 90 10.91 15.45 22.96
C GLY A 90 11.64 14.66 24.03
N ALA A 91 11.59 15.15 25.28
CA ALA A 91 12.30 14.51 26.38
C ALA A 91 11.43 14.38 27.62
N ALA A 92 10.12 14.56 27.44
CA ALA A 92 9.14 14.45 28.51
C ALA A 92 7.80 14.09 27.87
N PRO A 93 6.87 13.43 28.60
CA PRO A 93 5.56 13.08 28.04
C PRO A 93 4.84 14.28 27.42
N HIS A 94 4.15 14.02 26.29
CA HIS A 94 3.32 14.99 25.59
C HIS A 94 2.17 14.20 24.97
N PRO A 95 0.94 14.76 24.90
CA PRO A 95 -0.19 14.04 24.31
C PRO A 95 0.05 13.54 22.89
N PHE A 96 0.95 14.21 22.14
CA PHE A 96 1.19 13.87 20.74
C PHE A 96 2.47 13.04 20.56
N LEU A 97 3.12 12.62 21.65
CA LEU A 97 4.35 11.83 21.55
C LEU A 97 4.10 10.40 22.02
N HIS A 98 4.48 9.41 21.19
CA HIS A 98 4.43 8.02 21.59
C HIS A 98 5.71 7.62 22.33
N ARG A 99 6.79 8.37 22.09
CA ARG A 99 8.05 8.10 22.76
C ARG A 99 8.84 9.39 22.87
N TYR A 100 9.85 9.36 23.73
CA TYR A 100 10.66 10.55 23.99
C TYR A 100 12.01 10.10 24.52
N TYR A 101 12.98 11.02 24.47
CA TYR A 101 14.33 10.78 24.96
C TYR A 101 14.33 10.77 26.49
N GLN A 102 14.86 9.67 27.03
CA GLN A 102 15.01 9.46 28.47
C GLN A 102 16.50 9.55 28.84
N ARG A 103 16.91 10.76 29.24
CA ARG A 103 18.33 11.03 29.52
C ARG A 103 18.86 10.14 30.64
N GLN A 104 18.00 9.80 31.61
CA GLN A 104 18.41 9.01 32.76
C GLN A 104 18.78 7.57 32.37
N LEU A 105 18.32 7.13 31.18
CA LEU A 105 18.61 5.77 30.73
C LEU A 105 19.82 5.72 29.79
N SER A 106 20.47 6.87 29.53
CA SER A 106 21.62 6.88 28.65
C SER A 106 22.91 7.06 29.44
N SER A 107 23.82 6.07 29.33
CA SER A 107 25.09 6.11 30.03
C SER A 107 26.03 7.20 29.50
N THR A 108 25.76 7.67 28.27
CA THR A 108 26.65 8.58 27.56
C THR A 108 26.14 10.02 27.59
N TYR A 109 25.01 10.25 28.24
CA TYR A 109 24.44 11.58 28.39
C TYR A 109 25.39 12.50 29.17
N ARG A 110 25.57 13.72 28.64
CA ARG A 110 26.32 14.77 29.32
C ARG A 110 25.43 16.01 29.44
N ASP A 111 25.30 16.51 30.68
CA ASP A 111 24.48 17.68 30.98
C ASP A 111 25.31 18.95 30.76
N LEU A 112 24.82 19.87 29.92
CA LEU A 112 25.51 21.14 29.69
C LEU A 112 25.08 22.22 30.69
N ARG A 113 24.09 21.90 31.56
CA ARG A 113 23.63 22.80 32.63
C ARG A 113 23.19 24.15 32.08
N LYS A 114 22.41 24.12 31.01
CA LYS A 114 22.00 25.35 30.33
C LYS A 114 20.64 25.10 29.71
N GLY A 115 19.73 26.08 29.88
CA GLY A 115 18.41 26.01 29.30
C GLY A 115 18.36 26.70 27.93
N VAL A 116 17.29 26.44 27.19
CA VAL A 116 17.07 27.12 25.92
C VAL A 116 15.56 27.34 25.78
N TYR A 117 15.18 28.57 25.41
CA TYR A 117 13.79 28.93 25.16
C TYR A 117 13.69 29.46 23.72
N VAL A 118 12.85 28.80 22.91
CA VAL A 118 12.76 29.11 21.49
C VAL A 118 11.32 29.50 21.16
N PRO A 119 10.91 30.79 21.33
CA PRO A 119 9.63 31.25 20.81
C PRO A 119 9.77 31.60 19.33
N TYR A 120 8.75 31.22 18.54
CA TYR A 120 8.67 31.63 17.15
C TYR A 120 7.22 32.00 16.84
N THR A 121 6.94 32.39 15.58
CA THR A 121 5.65 32.96 15.21
C THR A 121 4.51 32.00 15.55
N GLN A 122 4.64 30.76 15.11
CA GLN A 122 3.52 29.82 15.12
C GLN A 122 3.60 28.88 16.32
N GLY A 123 4.58 29.08 17.22
CA GLY A 123 4.70 28.20 18.38
C GLY A 123 5.92 28.45 19.24
N LYS A 124 6.21 27.52 20.16
CA LYS A 124 7.35 27.66 21.05
C LYS A 124 7.78 26.30 21.59
N TRP A 125 9.09 26.17 21.84
CA TRP A 125 9.60 25.07 22.62
C TRP A 125 10.67 25.54 23.59
N GLU A 126 10.82 24.83 24.70
CA GLU A 126 11.90 25.11 25.63
C GLU A 126 12.49 23.79 26.15
N GLY A 127 13.76 23.85 26.52
CA GLY A 127 14.39 22.61 26.93
C GLY A 127 15.72 22.83 27.62
N GLU A 128 16.42 21.72 27.79
CA GLU A 128 17.67 21.67 28.53
C GLU A 128 18.74 21.11 27.61
N LEU A 129 19.89 21.79 27.55
CA LEU A 129 20.96 21.37 26.65
C LEU A 129 21.81 20.28 27.28
N GLY A 130 22.23 19.37 26.41
CA GLY A 130 23.17 18.32 26.76
C GLY A 130 23.84 17.78 25.51
N THR A 131 24.71 16.78 25.68
CA THR A 131 25.25 16.06 24.52
C THR A 131 25.06 14.57 24.73
N ASP A 132 25.06 13.83 23.62
CA ASP A 132 24.97 12.38 23.67
C ASP A 132 25.44 11.82 22.33
N LEU A 133 25.58 10.49 22.27
CA LEU A 133 25.95 9.81 21.04
C LEU A 133 24.70 9.65 20.18
N VAL A 134 24.86 9.95 18.89
CA VAL A 134 23.75 9.98 17.95
C VAL A 134 24.16 9.18 16.72
N SER A 135 23.20 8.40 16.17
CA SER A 135 23.42 7.67 14.93
CA SER A 135 23.42 7.69 14.93
C SER A 135 22.19 7.84 14.03
N ILE A 136 22.38 7.58 12.74
CA ILE A 136 21.28 7.53 11.78
C ILE A 136 21.32 6.14 11.17
N PRO A 137 20.41 5.21 11.59
CA PRO A 137 20.45 3.82 11.15
C PRO A 137 20.51 3.64 9.64
N HIS A 138 19.70 4.43 8.91
CA HIS A 138 19.75 4.38 7.45
C HIS A 138 20.56 5.57 6.93
N GLY A 139 21.81 5.63 7.38
CA GLY A 139 22.62 6.81 7.19
C GLY A 139 24.07 6.39 6.96
N PRO A 140 25.05 7.28 7.24
CA PRO A 140 26.45 6.88 7.22
C PRO A 140 26.64 5.97 8.44
N ASN A 141 27.60 5.07 8.32
CA ASN A 141 27.88 4.07 9.33
CA ASN A 141 27.84 4.08 9.36
C ASN A 141 28.80 4.68 10.39
N VAL A 142 28.31 5.74 11.06
CA VAL A 142 29.11 6.49 12.02
C VAL A 142 28.21 6.91 13.18
N THR A 143 28.85 7.15 14.33
CA THR A 143 28.25 7.67 15.55
C THR A 143 29.00 8.96 15.90
N VAL A 144 28.24 10.00 16.26
CA VAL A 144 28.73 11.35 16.56
CA VAL A 144 28.90 11.23 16.66
C VAL A 144 28.30 11.72 17.98
N ARG A 145 29.12 12.51 18.69
CA ARG A 145 28.63 13.14 19.90
C ARG A 145 28.12 14.53 19.52
N ALA A 146 26.82 14.76 19.72
CA ALA A 146 26.19 15.99 19.25
C ALA A 146 25.44 16.67 20.39
N ASN A 147 25.24 17.99 20.23
CA ASN A 147 24.35 18.75 21.08
C ASN A 147 22.92 18.28 20.86
N ILE A 148 22.19 18.12 21.97
CA ILE A 148 20.78 17.78 21.95
C ILE A 148 20.04 18.69 22.91
N ALA A 149 19.01 19.37 22.40
CA ALA A 149 18.12 20.10 23.29
C ALA A 149 16.98 19.16 23.68
N ALA A 150 16.91 18.83 24.97
CA ALA A 150 15.89 17.95 25.50
C ALA A 150 14.65 18.80 25.80
N ILE A 151 13.61 18.65 24.97
CA ILE A 151 12.43 19.50 25.06
C ILE A 151 11.56 19.06 26.24
N THR A 152 11.33 20.01 27.16
CA THR A 152 10.59 19.73 28.39
C THR A 152 9.21 20.39 28.39
N GLU A 153 9.03 21.46 27.60
CA GLU A 153 7.74 22.14 27.44
C GLU A 153 7.65 22.65 26.02
N SER A 154 6.42 22.66 25.45
CA SER A 154 6.24 23.10 24.07
C SER A 154 4.81 23.57 23.83
N ASP A 155 4.64 24.43 22.82
CA ASP A 155 3.32 24.91 22.42
C ASP A 155 3.24 24.96 20.90
N LYS A 156 2.30 24.17 20.34
CA LYS A 156 2.00 24.11 18.92
C LYS A 156 3.26 23.76 18.12
N PHE A 157 4.13 22.93 18.71
CA PHE A 157 5.36 22.49 18.08
C PHE A 157 5.13 21.10 17.50
N PHE A 158 4.83 20.13 18.39
CA PHE A 158 4.51 18.78 17.97
C PHE A 158 3.19 18.80 17.22
N ILE A 159 3.10 17.92 16.21
CA ILE A 159 1.93 17.81 15.37
C ILE A 159 1.33 16.42 15.61
N ASN A 160 0.05 16.41 16.02
CA ASN A 160 -0.69 15.19 16.25
C ASN A 160 -0.73 14.37 14.96
N GLY A 161 -0.21 13.15 15.05
CA GLY A 161 -0.24 12.19 13.96
C GLY A 161 0.89 12.32 12.94
N SER A 162 1.84 13.25 13.18
CA SER A 162 2.94 13.50 12.26
C SER A 162 4.00 12.40 12.29
N ASN A 163 4.06 11.69 13.41
CA ASN A 163 4.96 10.58 13.67
C ASN A 163 6.36 11.04 14.11
N TRP A 164 6.65 12.35 14.09
CA TRP A 164 8.00 12.74 14.51
C TRP A 164 8.02 13.25 15.95
N GLU A 165 9.19 13.09 16.58
CA GLU A 165 9.37 13.27 18.01
C GLU A 165 10.47 14.28 18.29
N GLY A 166 11.04 14.87 17.24
CA GLY A 166 12.11 15.84 17.41
C GLY A 166 12.43 16.44 16.05
N ILE A 167 13.41 17.35 16.03
CA ILE A 167 13.76 18.10 14.84
CA ILE A 167 13.76 18.06 14.81
C ILE A 167 15.28 18.10 14.67
N LEU A 168 15.71 17.96 13.42
CA LEU A 168 17.11 18.00 13.04
C LEU A 168 17.30 19.29 12.23
N GLY A 169 17.78 20.34 12.91
CA GLY A 169 18.05 21.60 12.23
C GLY A 169 19.37 21.50 11.46
N LEU A 170 19.30 21.60 10.13
CA LEU A 170 20.45 21.35 9.28
C LEU A 170 21.11 22.64 8.79
N ALA A 171 20.60 23.81 9.20
CA ALA A 171 21.20 25.09 8.82
C ALA A 171 22.40 25.41 9.71
N TYR A 172 22.92 26.64 9.61
CA TYR A 172 24.23 26.96 10.16
C TYR A 172 24.13 27.54 11.58
N ALA A 173 25.27 27.59 12.25
CA ALA A 173 25.39 28.00 13.65
C ALA A 173 24.82 29.40 13.90
N GLU A 174 24.92 30.31 12.93
CA GLU A 174 24.50 31.70 13.14
C GLU A 174 23.08 31.79 13.71
N ILE A 175 22.20 30.86 13.33
CA ILE A 175 20.81 30.93 13.75
C ILE A 175 20.45 29.87 14.80
N ALA A 176 21.48 29.21 15.39
CA ALA A 176 21.25 28.29 16.49
C ALA A 176 20.77 29.05 17.74
N ARG A 177 19.99 28.36 18.58
CA ARG A 177 19.59 28.89 19.87
C ARG A 177 20.30 28.11 20.98
N PRO A 178 20.71 28.77 22.07
CA PRO A 178 20.46 30.17 22.38
C PRO A 178 21.37 31.15 21.65
N ASP A 179 22.49 30.64 21.12
CA ASP A 179 23.42 31.47 20.36
C ASP A 179 24.28 30.60 19.45
N ASP A 180 25.17 31.26 18.71
CA ASP A 180 25.93 30.61 17.65
C ASP A 180 27.05 29.73 18.22
N SER A 181 27.22 29.69 19.55
CA SER A 181 28.24 28.81 20.12
C SER A 181 27.77 27.35 20.19
N LEU A 182 26.46 27.10 20.01
CA LEU A 182 25.94 25.75 20.08
C LEU A 182 26.08 25.08 18.72
N GLU A 183 27.11 24.23 18.59
CA GLU A 183 27.47 23.62 17.32
C GLU A 183 26.30 22.79 16.80
N PRO A 184 25.81 23.04 15.56
CA PRO A 184 24.75 22.20 14.99
C PRO A 184 25.22 20.77 14.68
N PHE A 185 24.25 19.87 14.53
CA PHE A 185 24.50 18.45 14.32
C PHE A 185 25.43 18.21 13.13
N PHE A 186 25.13 18.83 11.97
CA PHE A 186 25.86 18.50 10.77
C PHE A 186 27.32 18.94 10.90
N ASP A 187 27.54 20.07 11.60
CA ASP A 187 28.89 20.56 11.86
CA ASP A 187 28.90 20.56 11.84
C ASP A 187 29.67 19.53 12.68
N SER A 188 29.04 18.98 13.72
CA SER A 188 29.65 17.94 14.56
C SER A 188 29.95 16.69 13.74
N LEU A 189 29.00 16.28 12.89
CA LEU A 189 29.17 15.09 12.07
C LEU A 189 30.41 15.23 11.18
N VAL A 190 30.56 16.39 10.52
CA VAL A 190 31.68 16.61 9.62
C VAL A 190 33.00 16.69 10.40
N LYS A 191 32.98 17.34 11.58
CA LYS A 191 34.19 17.50 12.38
C LYS A 191 34.70 16.16 12.91
N GLN A 192 33.76 15.27 13.26
CA GLN A 192 34.14 14.06 13.98
C GLN A 192 34.35 12.84 13.07
N THR A 193 33.99 12.94 11.78
CA THR A 193 34.01 11.77 10.90
C THR A 193 34.62 12.15 9.54
N HIS A 194 34.60 11.18 8.61
CA HIS A 194 35.08 11.41 7.25
C HIS A 194 33.94 11.74 6.29
N VAL A 195 32.73 11.94 6.82
CA VAL A 195 31.56 12.23 5.99
C VAL A 195 31.80 13.55 5.26
N PRO A 196 31.72 13.59 3.91
CA PRO A 196 31.84 14.86 3.19
C PRO A 196 30.81 15.91 3.62
N ASN A 197 31.20 17.18 3.50
CA ASN A 197 30.40 18.30 3.96
C ASN A 197 29.33 18.68 2.93
N LEU A 198 28.34 17.79 2.75
CA LEU A 198 27.28 17.93 1.77
C LEU A 198 26.16 16.98 2.16
N PHE A 199 24.90 17.38 1.92
CA PHE A 199 23.82 16.41 1.98
C PHE A 199 22.83 16.77 0.89
N SER A 200 21.95 15.82 0.55
CA SER A 200 20.98 16.10 -0.50
C SER A 200 19.62 15.52 -0.09
N LEU A 201 18.55 16.17 -0.54
CA LEU A 201 17.19 15.79 -0.15
C LEU A 201 16.32 15.56 -1.38
N GLN A 202 15.63 14.42 -1.40
CA GLN A 202 14.56 14.15 -2.35
C GLN A 202 13.29 13.95 -1.53
N LEU A 203 12.43 14.98 -1.48
CA LEU A 203 11.16 14.82 -0.77
C LEU A 203 10.11 14.38 -1.78
N CYS A 204 9.39 13.31 -1.46
CA CYS A 204 8.49 12.69 -2.44
C CYS A 204 7.03 12.84 -2.03
N GLY A 205 6.32 13.77 -2.69
CA GLY A 205 4.89 13.91 -2.49
C GLY A 205 4.14 12.85 -3.28
N ALA A 206 3.05 12.32 -2.70
CA ALA A 206 2.30 11.25 -3.36
C ALA A 206 1.42 11.77 -4.50
N GLY A 207 0.95 13.01 -4.36
CA GLY A 207 -0.01 13.55 -5.31
C GLY A 207 -1.45 13.24 -4.92
N PHE A 208 -1.63 12.59 -3.76
CA PHE A 208 -2.94 12.29 -3.21
C PHE A 208 -2.78 12.18 -1.70
N PRO A 209 -3.87 12.18 -0.92
CA PRO A 209 -3.75 12.15 0.54
C PRO A 209 -3.29 10.79 1.07
N LEU A 210 -2.54 10.83 2.17
CA LEU A 210 -2.13 9.65 2.93
C LEU A 210 -2.54 9.86 4.39
N ASN A 211 -3.12 8.83 5.01
CA ASN A 211 -3.39 8.89 6.44
C ASN A 211 -2.15 8.46 7.21
N GLN A 212 -2.24 8.51 8.55
CA GLN A 212 -1.10 8.26 9.42
C GLN A 212 -0.55 6.85 9.21
N SER A 213 -1.45 5.86 9.10
CA SER A 213 -1.09 4.46 8.89
C SER A 213 -0.35 4.30 7.57
N GLU A 214 -0.82 5.01 6.54
CA GLU A 214 -0.22 4.98 5.22
C GLU A 214 1.16 5.64 5.24
N VAL A 215 1.30 6.76 5.96
CA VAL A 215 2.61 7.42 6.06
C VAL A 215 3.61 6.46 6.69
N LEU A 216 3.18 5.78 7.77
CA LEU A 216 4.08 4.89 8.49
C LEU A 216 4.56 3.74 7.59
N ALA A 217 3.74 3.36 6.61
CA ALA A 217 3.99 2.18 5.80
C ALA A 217 4.58 2.53 4.44
N SER A 218 4.81 3.83 4.18
CA SER A 218 5.19 4.31 2.86
C SER A 218 6.53 5.03 2.91
N VAL A 219 7.24 5.05 1.77
CA VAL A 219 8.48 5.79 1.61
C VAL A 219 8.16 7.22 1.21
N GLY A 220 8.77 8.19 1.91
CA GLY A 220 8.51 9.59 1.60
C GLY A 220 9.71 10.31 0.98
N GLY A 221 10.81 9.62 0.73
CA GLY A 221 11.93 10.27 0.07
C GLY A 221 13.29 9.81 0.62
N SER A 222 14.33 10.61 0.33
CA SER A 222 15.71 10.26 0.64
C SER A 222 16.46 11.47 1.18
N MET A 223 17.21 11.26 2.26
CA MET A 223 18.24 12.20 2.69
C MET A 223 19.59 11.50 2.53
N ILE A 224 20.39 11.95 1.55
CA ILE A 224 21.70 11.35 1.31
C ILE A 224 22.71 12.19 2.05
N ILE A 225 23.30 11.61 3.10
CA ILE A 225 24.25 12.31 3.95
C ILE A 225 25.64 12.04 3.41
N GLY A 226 26.30 13.10 2.94
CA GLY A 226 27.66 13.01 2.46
C GLY A 226 27.79 12.78 0.95
N GLY A 227 26.69 12.95 0.21
CA GLY A 227 26.82 12.70 -1.22
C GLY A 227 25.58 13.00 -2.03
N ILE A 228 25.69 12.69 -3.32
CA ILE A 228 24.67 12.90 -4.34
C ILE A 228 24.38 11.51 -4.93
N ASP A 229 23.10 11.13 -4.95
CA ASP A 229 22.73 9.86 -5.59
C ASP A 229 22.09 10.14 -6.94
N HIS A 230 22.75 9.66 -8.01
CA HIS A 230 22.35 10.06 -9.35
C HIS A 230 21.04 9.40 -9.80
N SER A 231 20.54 8.41 -9.05
CA SER A 231 19.27 7.76 -9.39
C SER A 231 18.06 8.62 -9.00
N LEU A 232 18.28 9.70 -8.23
CA LEU A 232 17.17 10.44 -7.63
C LEU A 232 16.70 11.61 -8.49
N TYR A 233 17.34 11.87 -9.62
CA TYR A 233 16.99 13.01 -10.46
C TYR A 233 17.12 12.65 -11.93
N THR A 234 16.51 13.48 -12.78
CA THR A 234 16.67 13.39 -14.22
C THR A 234 17.27 14.70 -14.69
N GLY A 235 17.94 14.65 -15.85
CA GLY A 235 18.54 15.83 -16.42
C GLY A 235 19.76 16.29 -15.63
N SER A 236 20.08 17.59 -15.71
CA SER A 236 21.28 18.14 -15.13
C SER A 236 20.98 18.82 -13.78
N LEU A 237 22.00 18.82 -12.91
CA LEU A 237 22.02 19.66 -11.71
C LEU A 237 22.54 21.05 -12.06
N TRP A 238 21.80 22.09 -11.62
CA TRP A 238 22.19 23.48 -11.75
C TRP A 238 22.37 24.05 -10.36
N TYR A 239 23.42 24.86 -10.17
CA TYR A 239 23.78 25.34 -8.84
C TYR A 239 23.63 26.86 -8.72
N THR A 240 23.08 27.26 -7.56
CA THR A 240 22.97 28.65 -7.17
C THR A 240 23.88 28.87 -5.95
N PRO A 241 24.59 30.00 -5.81
CA PRO A 241 25.44 30.22 -4.63
C PRO A 241 24.61 30.36 -3.36
N ILE A 242 25.15 29.87 -2.24
CA ILE A 242 24.62 30.24 -0.93
C ILE A 242 25.15 31.64 -0.65
N ARG A 243 24.23 32.59 -0.49
CA ARG A 243 24.61 33.98 -0.38
C ARG A 243 25.42 34.21 0.91
N ARG A 244 24.92 33.61 2.00
CA ARG A 244 25.52 33.71 3.32
C ARG A 244 25.11 32.46 4.08
N GLU A 245 26.03 31.97 4.95
CA GLU A 245 25.80 30.75 5.70
C GLU A 245 25.11 31.07 7.02
N TRP A 246 23.78 31.10 6.97
CA TRP A 246 22.98 31.24 8.18
C TRP A 246 21.77 30.32 7.99
N TYR A 247 20.71 30.83 7.36
CA TYR A 247 19.80 29.98 6.59
C TYR A 247 20.52 29.53 5.32
N TYR A 248 19.89 28.63 4.56
CA TYR A 248 20.36 28.37 3.21
C TYR A 248 19.78 29.45 2.29
N GLU A 249 20.47 30.61 2.27
CA GLU A 249 19.98 31.80 1.60
C GLU A 249 20.42 31.80 0.13
N VAL A 250 19.46 32.09 -0.77
CA VAL A 250 19.72 32.15 -2.19
C VAL A 250 19.17 33.47 -2.74
N ILE A 251 19.43 33.73 -4.04
CA ILE A 251 18.95 34.95 -4.68
C ILE A 251 18.09 34.59 -5.90
N ILE A 252 16.83 35.06 -5.89
CA ILE A 252 15.89 34.93 -7.01
C ILE A 252 15.99 36.20 -7.88
N VAL A 253 16.12 36.01 -9.20
CA VAL A 253 16.40 37.14 -10.10
C VAL A 253 15.24 37.45 -11.06
N ARG A 254 14.26 36.54 -11.16
CA ARG A 254 13.12 36.71 -12.04
C ARG A 254 12.05 35.69 -11.62
N VAL A 255 10.77 36.08 -11.77
CA VAL A 255 9.66 35.16 -11.54
C VAL A 255 8.74 35.24 -12.75
N GLU A 256 8.29 34.08 -13.25
CA GLU A 256 7.31 34.02 -14.33
C GLU A 256 6.14 33.12 -13.91
N ILE A 257 4.95 33.47 -14.41
CA ILE A 257 3.75 32.65 -14.30
C ILE A 257 3.35 32.31 -15.74
N ASN A 258 3.44 31.02 -16.13
CA ASN A 258 3.17 30.61 -17.51
C ASN A 258 3.97 31.47 -18.51
N GLY A 259 5.25 31.71 -18.19
CA GLY A 259 6.13 32.41 -19.10
C GLY A 259 6.03 33.93 -19.02
N GLN A 260 5.03 34.46 -18.30
CA GLN A 260 4.81 35.89 -18.21
C GLN A 260 5.57 36.42 -17.01
N ASP A 261 6.49 37.38 -17.26
CA ASP A 261 7.30 38.01 -16.23
C ASP A 261 6.40 38.74 -15.23
N LEU A 262 6.59 38.47 -13.94
CA LEU A 262 5.84 39.19 -12.91
C LEU A 262 6.28 40.66 -12.86
N LYS A 263 7.50 40.95 -13.34
CA LYS A 263 7.99 42.29 -13.69
C LYS A 263 8.13 43.18 -12.45
N MET A 264 8.51 42.59 -11.31
CA MET A 264 8.80 43.38 -10.13
C MET A 264 10.31 43.62 -10.05
N ASP A 265 10.71 44.69 -9.35
CA ASP A 265 12.11 44.90 -9.00
C ASP A 265 12.58 43.64 -8.29
N CYS A 266 13.71 43.05 -8.72
CA CYS A 266 14.13 41.75 -8.20
C CYS A 266 14.43 41.78 -6.70
N LYS A 267 14.75 42.96 -6.12
CA LYS A 267 14.92 43.04 -4.68
C LYS A 267 13.66 42.60 -3.94
N GLU A 268 12.48 42.82 -4.55
CA GLU A 268 11.22 42.47 -3.92
C GLU A 268 11.12 40.96 -3.70
N TYR A 269 11.71 40.16 -4.60
CA TYR A 269 11.65 38.70 -4.51
C TYR A 269 12.46 38.18 -3.33
N ASN A 270 13.43 38.99 -2.86
CA ASN A 270 14.37 38.55 -1.84
C ASN A 270 14.25 39.45 -0.60
N TYR A 271 13.07 40.04 -0.40
CA TYR A 271 12.89 40.97 0.71
C TYR A 271 12.22 40.24 1.87
N ASP A 272 12.91 40.01 3.01
CA ASP A 272 14.26 40.48 3.34
C ASP A 272 15.30 39.37 3.14
N LYS A 273 14.87 38.17 2.73
CA LYS A 273 15.77 37.09 2.36
C LYS A 273 14.97 36.09 1.53
N SER A 274 15.66 35.16 0.85
CA SER A 274 15.03 34.00 0.23
C SER A 274 15.78 32.77 0.71
N ILE A 275 15.06 31.76 1.19
CA ILE A 275 15.71 30.58 1.74
C ILE A 275 15.08 29.30 1.22
N VAL A 276 15.83 28.20 1.37
CA VAL A 276 15.33 26.86 1.09
C VAL A 276 15.09 26.16 2.43
N ASP A 277 13.82 25.76 2.68
CA ASP A 277 13.39 25.35 4.02
C ASP A 277 12.47 24.13 4.00
N SER A 278 13.03 22.95 4.31
CA SER A 278 12.23 21.71 4.34
C SER A 278 11.29 21.67 5.54
N GLY A 279 11.46 22.59 6.51
CA GLY A 279 10.61 22.64 7.69
C GLY A 279 9.44 23.63 7.58
N THR A 280 9.10 24.05 6.36
CA THR A 280 7.92 24.86 6.05
C THR A 280 7.17 24.12 4.95
N THR A 281 5.83 24.07 5.04
CA THR A 281 5.04 23.38 4.03
C THR A 281 5.04 24.15 2.71
N ASN A 282 4.66 25.44 2.76
CA ASN A 282 4.28 26.18 1.57
C ASN A 282 5.47 26.81 0.85
N LEU A 283 5.23 27.23 -0.40
CA LEU A 283 6.01 28.30 -0.98
C LEU A 283 5.48 29.59 -0.37
N ARG A 284 6.34 30.30 0.37
CA ARG A 284 5.93 31.55 0.99
C ARG A 284 6.61 32.70 0.24
N LEU A 285 5.81 33.74 -0.05
CA LEU A 285 6.32 34.87 -0.83
C LEU A 285 6.13 36.16 -0.04
N PRO A 286 7.07 37.14 -0.13
CA PRO A 286 6.88 38.46 0.48
C PRO A 286 5.53 39.04 0.06
N LYS A 287 4.85 39.75 0.97
CA LYS A 287 3.50 40.27 0.77
C LYS A 287 3.28 40.82 -0.64
N LYS A 288 4.14 41.75 -1.11
CA LYS A 288 3.93 42.42 -2.38
CA LYS A 288 3.94 42.42 -2.37
C LYS A 288 4.04 41.43 -3.54
N VAL A 289 4.98 40.47 -3.42
CA VAL A 289 5.16 39.45 -4.44
C VAL A 289 3.98 38.49 -4.43
N PHE A 290 3.53 38.10 -3.23
CA PHE A 290 2.35 37.23 -3.11
C PHE A 290 1.15 37.86 -3.81
N GLU A 291 0.89 39.15 -3.55
CA GLU A 291 -0.26 39.83 -4.13
C GLU A 291 -0.17 39.78 -5.65
N ALA A 292 1.02 40.08 -6.20
CA ALA A 292 1.20 40.10 -7.64
C ALA A 292 1.04 38.69 -8.24
N ALA A 293 1.67 37.72 -7.58
CA ALA A 293 1.64 36.35 -8.07
C ALA A 293 0.22 35.79 -8.06
N VAL A 294 -0.53 36.01 -6.97
CA VAL A 294 -1.89 35.50 -6.88
CA VAL A 294 -1.88 35.47 -6.89
C VAL A 294 -2.77 36.14 -7.95
N LYS A 295 -2.57 37.43 -8.22
CA LYS A 295 -3.34 38.10 -9.26
C LYS A 295 -3.09 37.40 -10.60
N SER A 296 -1.80 37.10 -10.88
CA SER A 296 -1.41 36.45 -12.13
C SER A 296 -1.94 35.01 -12.20
N ILE A 297 -1.89 34.28 -11.08
CA ILE A 297 -2.36 32.90 -11.09
C ILE A 297 -3.89 32.86 -11.25
N LYS A 298 -4.59 33.78 -10.59
CA LYS A 298 -6.04 33.89 -10.80
C LYS A 298 -6.35 34.18 -12.27
N ALA A 299 -5.61 35.13 -12.88
CA ALA A 299 -5.85 35.47 -14.27
C ALA A 299 -5.65 34.26 -15.19
N ALA A 300 -4.58 33.47 -14.94
CA ALA A 300 -4.28 32.32 -15.80
C ALA A 300 -5.34 31.23 -15.65
N SER A 301 -5.92 31.10 -14.45
CA SER A 301 -6.89 30.07 -14.11
C SER A 301 -8.34 30.57 -14.19
N SER A 302 -8.57 31.71 -14.87
CA SER A 302 -9.81 32.47 -14.74
C SER A 302 -11.04 31.76 -15.33
N THR A 303 -10.84 30.64 -16.03
CA THR A 303 -11.98 29.90 -16.56
CA THR A 303 -11.95 29.85 -16.56
C THR A 303 -12.78 29.24 -15.44
N GLU A 304 -12.20 29.15 -14.23
CA GLU A 304 -12.92 28.70 -13.04
C GLU A 304 -12.71 29.74 -11.94
N LYS A 305 -13.76 30.02 -11.17
CA LYS A 305 -13.69 30.95 -10.06
C LYS A 305 -13.56 30.17 -8.77
N PHE A 306 -12.56 30.54 -7.95
CA PHE A 306 -12.34 29.91 -6.67
C PHE A 306 -12.60 30.92 -5.55
N PRO A 307 -13.11 30.47 -4.38
CA PRO A 307 -13.42 31.38 -3.27
C PRO A 307 -12.17 32.01 -2.66
N ASP A 308 -12.34 33.17 -2.02
CA ASP A 308 -11.22 33.89 -1.43
C ASP A 308 -10.47 33.01 -0.42
N GLY A 309 -11.21 32.18 0.34
CA GLY A 309 -10.62 31.25 1.30
C GLY A 309 -9.64 30.25 0.66
N PHE A 310 -9.86 29.90 -0.62
CA PHE A 310 -8.93 29.01 -1.29
C PHE A 310 -7.59 29.72 -1.51
N TRP A 311 -7.66 30.95 -2.04
CA TRP A 311 -6.44 31.71 -2.34
C TRP A 311 -5.68 32.11 -1.08
N LEU A 312 -6.37 32.17 0.07
CA LEU A 312 -5.77 32.47 1.36
C LEU A 312 -5.18 31.22 2.02
N GLY A 313 -5.30 30.07 1.33
CA GLY A 313 -4.63 28.85 1.77
C GLY A 313 -5.39 28.13 2.88
N GLU A 314 -6.63 28.55 3.15
CA GLU A 314 -7.40 28.11 4.31
C GLU A 314 -8.37 27.01 3.93
N GLN A 315 -8.96 27.13 2.73
CA GLN A 315 -10.13 26.36 2.32
CA GLN A 315 -10.12 26.34 2.33
C GLN A 315 -9.73 25.35 1.23
N LEU A 316 -10.27 24.13 1.34
CA LEU A 316 -10.00 23.15 0.30
C LEU A 316 -10.95 23.38 -0.89
N VAL A 317 -10.50 22.98 -2.08
CA VAL A 317 -11.42 22.85 -3.20
C VAL A 317 -11.36 21.40 -3.71
N CYS A 318 -12.49 20.93 -4.25
CA CYS A 318 -12.64 19.52 -4.60
C CYS A 318 -13.17 19.40 -6.02
N TRP A 319 -12.71 18.35 -6.71
CA TRP A 319 -13.22 17.96 -8.01
C TRP A 319 -13.63 16.49 -7.97
N GLN A 320 -14.58 16.11 -8.84
CA GLN A 320 -14.93 14.71 -9.00
C GLN A 320 -13.66 13.90 -9.29
N ALA A 321 -13.61 12.67 -8.75
CA ALA A 321 -12.48 11.76 -8.89
C ALA A 321 -11.88 11.80 -10.30
N GLY A 322 -10.59 12.12 -10.39
CA GLY A 322 -9.85 12.05 -11.65
C GLY A 322 -9.98 13.29 -12.53
N THR A 323 -10.80 14.27 -12.12
CA THR A 323 -11.16 15.38 -13.03
C THR A 323 -10.44 16.69 -12.69
N THR A 324 -9.45 16.66 -11.78
CA THR A 324 -8.72 17.87 -11.45
C THR A 324 -8.20 18.54 -12.73
N PRO A 325 -8.56 19.81 -13.01
CA PRO A 325 -8.22 20.48 -14.27
C PRO A 325 -6.83 21.10 -14.19
N TRP A 326 -5.80 20.24 -14.11
CA TRP A 326 -4.43 20.74 -13.98
C TRP A 326 -4.10 21.78 -15.03
N ASN A 327 -4.59 21.58 -16.26
CA ASN A 327 -4.19 22.39 -17.40
C ASN A 327 -4.62 23.85 -17.26
N ILE A 328 -5.63 24.15 -16.42
CA ILE A 328 -6.07 25.54 -16.29
C ILE A 328 -5.14 26.33 -15.38
N PHE A 329 -4.35 25.62 -14.55
CA PHE A 329 -3.45 26.30 -13.63
C PHE A 329 -2.09 26.48 -14.29
N PRO A 330 -1.41 27.62 -14.05
CA PRO A 330 -0.13 27.90 -14.71
C PRO A 330 1.06 27.22 -14.03
N VAL A 331 2.14 27.09 -14.81
CA VAL A 331 3.44 26.76 -14.22
C VAL A 331 4.03 28.03 -13.61
N ILE A 332 4.91 27.83 -12.62
CA ILE A 332 5.58 28.95 -11.96
C ILE A 332 7.08 28.71 -12.09
N SER A 333 7.79 29.72 -12.59
CA SER A 333 9.24 29.60 -12.75
C SER A 333 9.92 30.62 -11.85
N LEU A 334 10.90 30.14 -11.08
CA LEU A 334 11.78 30.99 -10.29
C LEU A 334 13.16 30.91 -10.92
N TYR A 335 13.73 32.08 -11.29
CA TYR A 335 15.08 32.11 -11.83
C TYR A 335 16.02 32.42 -10.68
N LEU A 336 17.09 31.62 -10.60
CA LEU A 336 18.05 31.73 -9.51
C LEU A 336 19.40 32.17 -10.07
N MET A 337 20.15 32.94 -9.27
CA MET A 337 21.50 33.33 -9.63
C MET A 337 22.36 32.08 -9.90
N GLY A 338 23.12 32.09 -11.01
CA GLY A 338 23.98 30.96 -11.33
C GLY A 338 25.38 31.11 -10.72
N GLU A 339 26.23 30.10 -10.92
CA GLU A 339 27.59 30.17 -10.43
C GLU A 339 28.50 30.95 -11.38
N VAL A 340 28.13 31.01 -12.66
CA VAL A 340 28.90 31.72 -13.68
C VAL A 340 28.46 33.17 -13.67
N THR A 341 29.44 34.09 -13.83
CA THR A 341 29.19 35.51 -13.94
C THR A 341 28.11 35.76 -14.98
N ASN A 342 27.10 36.54 -14.60
CA ASN A 342 26.05 37.01 -15.49
C ASN A 342 25.21 35.87 -16.05
N GLN A 343 25.07 34.78 -15.29
CA GLN A 343 24.27 33.66 -15.76
C GLN A 343 23.25 33.28 -14.69
N SER A 344 22.00 33.03 -15.11
CA SER A 344 21.00 32.45 -14.22
C SER A 344 20.46 31.13 -14.81
N PHE A 345 19.64 30.43 -14.03
CA PHE A 345 18.90 29.28 -14.52
C PHE A 345 17.51 29.36 -13.90
N ARG A 346 16.59 28.51 -14.35
CA ARG A 346 15.25 28.55 -13.77
C ARG A 346 14.81 27.17 -13.31
N ILE A 347 13.98 27.17 -12.25
CA ILE A 347 13.26 25.99 -11.84
C ILE A 347 11.78 26.26 -12.08
N THR A 348 11.08 25.25 -12.60
CA THR A 348 9.68 25.42 -12.98
C THR A 348 8.84 24.36 -12.26
N ILE A 349 7.81 24.82 -11.54
CA ILE A 349 6.91 23.90 -10.86
C ILE A 349 5.54 23.93 -11.50
N LEU A 350 4.84 22.83 -11.24
CA LEU A 350 3.51 22.61 -11.77
C LEU A 350 2.48 22.85 -10.68
N PRO A 351 1.18 22.98 -11.04
CA PRO A 351 0.14 22.93 -10.01
C PRO A 351 0.20 21.64 -9.19
N GLN A 352 0.74 20.54 -9.76
CA GLN A 352 0.86 19.31 -8.98
C GLN A 352 1.80 19.49 -7.77
N GLN A 353 2.63 20.54 -7.79
CA GLN A 353 3.46 20.89 -6.64
C GLN A 353 2.72 21.89 -5.73
N TYR A 354 2.14 22.96 -6.29
CA TYR A 354 1.64 24.03 -5.43
C TYR A 354 0.19 23.86 -4.99
N LEU A 355 -0.52 22.83 -5.51
CA LEU A 355 -1.79 22.41 -4.95
C LEU A 355 -1.54 21.16 -4.11
N ARG A 356 -1.75 21.31 -2.79
CA ARG A 356 -1.39 20.26 -1.85
C ARG A 356 -2.59 19.34 -1.64
N PRO A 357 -2.48 18.03 -1.92
CA PRO A 357 -3.61 17.10 -1.72
C PRO A 357 -4.01 17.00 -0.25
N VAL A 358 -5.33 17.11 -0.01
CA VAL A 358 -5.90 16.97 1.33
C VAL A 358 -7.14 16.09 1.24
N GLU A 359 -7.44 15.37 2.32
CA GLU A 359 -8.69 14.61 2.35
C GLU A 359 -9.85 15.53 2.69
N ASP A 360 -11.00 15.28 2.07
CA ASP A 360 -12.21 15.89 2.58
C ASP A 360 -12.71 15.04 3.74
N VAL A 361 -13.28 13.88 3.41
CA VAL A 361 -13.70 12.85 4.35
C VAL A 361 -13.29 11.50 3.77
N ALA A 362 -13.06 10.49 4.64
CA ALA A 362 -12.55 9.19 4.24
C ALA A 362 -13.47 8.50 3.23
N THR A 363 -14.75 8.90 3.26
CA THR A 363 -15.84 8.31 2.48
C THR A 363 -15.93 8.96 1.09
N SER A 364 -15.45 10.20 0.96
CA SER A 364 -15.51 10.96 -0.28
C SER A 364 -14.57 10.35 -1.31
N GLN A 365 -14.97 10.39 -2.60
CA GLN A 365 -14.07 9.98 -3.67
C GLN A 365 -13.53 11.19 -4.44
N ASP A 366 -13.87 12.40 -3.99
CA ASP A 366 -13.39 13.59 -4.67
C ASP A 366 -11.89 13.75 -4.48
N ASP A 367 -11.24 14.41 -5.45
CA ASP A 367 -9.85 14.84 -5.34
C ASP A 367 -9.82 16.28 -4.86
N CYS A 368 -9.22 16.51 -3.68
CA CYS A 368 -9.29 17.80 -3.02
C CYS A 368 -7.89 18.34 -2.71
N TYR A 369 -7.79 19.68 -2.67
CA TYR A 369 -6.49 20.32 -2.54
C TYR A 369 -6.61 21.64 -1.79
N LYS A 370 -5.51 22.03 -1.16
CA LYS A 370 -5.35 23.40 -0.71
C LYS A 370 -4.27 24.09 -1.54
N PHE A 371 -4.40 25.42 -1.66
CA PHE A 371 -3.40 26.25 -2.33
C PHE A 371 -2.23 26.43 -1.37
N ALA A 372 -1.05 25.97 -1.81
CA ALA A 372 0.11 25.91 -0.93
C ALA A 372 1.13 27.00 -1.26
N ILE A 373 0.63 28.18 -1.65
CA ILE A 373 1.43 29.40 -1.73
C ILE A 373 0.79 30.39 -0.76
N SER A 374 1.62 31.05 0.06
CA SER A 374 1.09 31.93 1.09
C SER A 374 2.02 33.14 1.30
N GLN A 375 1.50 34.16 1.98
CA GLN A 375 2.27 35.38 2.15
C GLN A 375 3.23 35.24 3.33
N SER A 376 4.30 36.03 3.28
CA SER A 376 5.35 36.04 4.29
C SER A 376 5.72 37.48 4.61
N SER A 377 6.12 37.73 5.86
CA SER A 377 6.73 39.01 6.24
C SER A 377 8.22 38.84 6.56
N THR A 378 8.77 37.65 6.28
CA THR A 378 10.16 37.30 6.58
C THR A 378 10.88 36.74 5.35
N GLY A 379 10.40 37.11 4.16
CA GLY A 379 11.07 36.77 2.92
C GLY A 379 10.47 35.54 2.23
N THR A 380 11.09 35.18 1.12
CA THR A 380 10.65 34.02 0.34
C THR A 380 11.10 32.76 1.06
N VAL A 381 10.20 31.76 1.14
CA VAL A 381 10.57 30.46 1.69
C VAL A 381 10.21 29.40 0.66
N MET A 382 11.24 28.71 0.16
CA MET A 382 11.02 27.60 -0.75
C MET A 382 10.82 26.35 0.11
N GLY A 383 9.55 26.11 0.47
CA GLY A 383 9.21 25.05 1.41
C GLY A 383 9.03 23.69 0.73
N ALA A 384 8.46 22.75 1.51
CA ALA A 384 8.38 21.36 1.10
C ALA A 384 7.65 21.17 -0.23
N VAL A 385 6.57 21.94 -0.50
CA VAL A 385 5.82 21.68 -1.73
C VAL A 385 6.65 22.00 -2.97
N ILE A 386 7.59 22.96 -2.85
CA ILE A 386 8.54 23.34 -3.90
CA ILE A 386 8.43 23.24 -4.00
C ILE A 386 9.61 22.26 -4.03
N MET A 387 10.17 21.89 -2.85
CA MET A 387 11.22 20.88 -2.80
C MET A 387 10.75 19.52 -3.34
N GLU A 388 9.45 19.23 -3.28
CA GLU A 388 8.92 17.97 -3.82
C GLU A 388 9.11 17.85 -5.33
N GLY A 389 9.33 18.99 -6.01
CA GLY A 389 9.55 18.98 -7.46
C GLY A 389 10.98 18.58 -7.83
N PHE A 390 11.91 18.69 -6.87
CA PHE A 390 13.33 18.74 -7.18
C PHE A 390 14.14 17.86 -6.25
N TYR A 391 15.27 17.39 -6.78
CA TYR A 391 16.33 16.87 -5.94
C TYR A 391 17.22 18.07 -5.60
N VAL A 392 17.39 18.33 -4.29
CA VAL A 392 18.08 19.52 -3.83
C VAL A 392 19.38 19.11 -3.12
N VAL A 393 20.49 19.66 -3.61
CA VAL A 393 21.82 19.33 -3.10
C VAL A 393 22.32 20.50 -2.26
N PHE A 394 22.54 20.24 -0.97
CA PHE A 394 23.03 21.27 -0.07
C PHE A 394 24.54 21.10 0.02
N ASP A 395 25.24 21.72 -0.95
CA ASP A 395 26.68 21.57 -1.09
C ASP A 395 27.37 22.60 -0.22
N ARG A 396 27.47 22.28 1.08
CA ARG A 396 28.04 23.20 2.04
C ARG A 396 29.52 23.46 1.74
N ALA A 397 30.22 22.42 1.27
CA ALA A 397 31.65 22.47 1.00
C ALA A 397 31.98 23.55 -0.05
N ARG A 398 31.10 23.68 -1.05
CA ARG A 398 31.28 24.60 -2.18
C ARG A 398 30.33 25.79 -2.11
N LYS A 399 29.65 25.96 -0.95
CA LYS A 399 28.80 27.12 -0.68
C LYS A 399 27.78 27.30 -1.82
N ARG A 400 27.05 26.22 -2.15
CA ARG A 400 26.13 26.27 -3.28
C ARG A 400 25.00 25.27 -3.04
N ILE A 401 23.86 25.53 -3.70
CA ILE A 401 22.72 24.63 -3.66
CA ILE A 401 22.66 24.70 -3.67
C ILE A 401 22.39 24.22 -5.09
N GLY A 402 22.30 22.90 -5.29
CA GLY A 402 21.96 22.37 -6.60
C GLY A 402 20.50 21.94 -6.69
N PHE A 403 19.91 22.16 -7.88
CA PHE A 403 18.56 21.70 -8.17
C PHE A 403 18.60 20.85 -9.43
N ALA A 404 17.86 19.74 -9.41
CA ALA A 404 17.55 18.95 -10.60
C ALA A 404 16.11 18.48 -10.50
N VAL A 405 15.51 18.14 -11.64
CA VAL A 405 14.16 17.59 -11.62
C VAL A 405 14.15 16.28 -10.82
N SER A 406 13.21 16.15 -9.87
CA SER A 406 13.14 14.96 -9.05
C SER A 406 12.58 13.77 -9.85
N ALA A 407 13.21 12.60 -9.67
CA ALA A 407 12.66 11.37 -10.23
C ALA A 407 11.31 10.99 -9.63
N CYS A 408 10.90 11.62 -8.50
CA CYS A 408 9.63 11.30 -7.87
C CYS A 408 8.63 12.45 -7.95
N HIS A 409 8.86 13.44 -8.81
CA HIS A 409 7.89 14.54 -8.82
C HIS A 409 6.59 14.11 -9.50
N VAL A 410 5.49 14.70 -9.02
CA VAL A 410 4.17 14.44 -9.56
C VAL A 410 3.96 15.33 -10.79
N HIS A 411 3.45 14.71 -11.87
CA HIS A 411 3.21 15.48 -13.10
C HIS A 411 2.08 14.83 -13.88
N ASP A 412 1.86 15.29 -15.12
CA ASP A 412 0.83 14.68 -15.97
C ASP A 412 1.43 14.32 -17.33
N GLU A 413 0.56 13.93 -18.28
CA GLU A 413 0.94 13.49 -19.61
CA GLU A 413 1.05 13.48 -19.57
C GLU A 413 1.46 14.66 -20.45
N PHE A 414 1.23 15.91 -19.99
CA PHE A 414 1.44 17.07 -20.84
C PHE A 414 2.62 17.95 -20.43
N ARG A 415 2.94 17.97 -19.13
CA ARG A 415 3.93 18.88 -18.58
C ARG A 415 4.68 18.18 -17.46
N THR A 416 5.97 18.52 -17.30
CA THR A 416 6.77 18.09 -16.16
C THR A 416 7.39 19.33 -15.50
N ALA A 417 7.84 19.16 -14.26
CA ALA A 417 8.74 20.14 -13.65
C ALA A 417 10.02 20.24 -14.48
N ALA A 418 10.77 21.35 -14.32
CA ALA A 418 11.95 21.58 -15.14
C ALA A 418 13.02 22.33 -14.37
N VAL A 419 14.29 22.07 -14.74
CA VAL A 419 15.41 22.90 -14.34
C VAL A 419 16.22 23.16 -15.61
N GLU A 420 16.33 24.43 -16.00
CA GLU A 420 16.77 24.76 -17.34
C GLU A 420 17.67 25.99 -17.30
N GLY A 421 18.65 26.02 -18.21
CA GLY A 421 19.51 27.19 -18.32
C GLY A 421 20.45 27.03 -19.50
N PRO A 422 21.35 28.01 -19.72
CA PRO A 422 21.50 29.22 -18.94
C PRO A 422 20.73 30.40 -19.55
N PHE A 423 20.63 31.48 -18.77
CA PHE A 423 20.10 32.74 -19.25
C PHE A 423 21.10 33.83 -18.91
N VAL A 424 21.33 34.75 -19.84
CA VAL A 424 22.14 35.93 -19.54
C VAL A 424 21.35 36.83 -18.59
N THR A 425 21.95 37.17 -17.44
CA THR A 425 21.30 38.04 -16.47
C THR A 425 22.34 38.97 -15.85
N LEU A 426 22.09 40.29 -15.92
CA LEU A 426 23.05 41.26 -15.42
C LEU A 426 22.68 41.72 -14.01
N ASP A 427 23.70 42.14 -13.26
CA ASP A 427 23.59 42.82 -11.98
C ASP A 427 22.79 41.99 -10.97
N MET A 428 23.06 40.68 -10.92
CA MET A 428 22.25 39.79 -10.09
C MET A 428 22.50 40.02 -8.60
N GLU A 429 23.72 40.42 -8.24
CA GLU A 429 24.03 40.65 -6.83
C GLU A 429 23.11 41.71 -6.25
N ASP A 430 22.65 42.66 -7.10
CA ASP A 430 21.81 43.77 -6.73
C ASP A 430 20.40 43.32 -6.36
N CYS A 431 20.05 42.06 -6.64
CA CYS A 431 18.75 41.52 -6.30
C CYS A 431 18.70 41.14 -4.81
N GLY A 432 19.87 41.02 -4.19
CA GLY A 432 19.94 40.69 -2.78
C GLY A 432 19.58 41.90 -1.94
N TYR A 433 18.86 41.67 -0.85
CA TYR A 433 18.47 42.73 0.07
C TYR A 433 19.56 42.94 1.11
N ASN A 434 19.84 44.21 1.43
CA ASN A 434 20.81 44.54 2.47
C ASN A 434 20.07 45.19 3.64
N PHE B 48 -31.19 -11.19 -2.30
CA PHE B 48 -30.00 -10.64 -3.02
C PHE B 48 -30.00 -11.12 -4.46
N VAL B 49 -31.17 -11.01 -5.11
CA VAL B 49 -31.44 -11.55 -6.44
C VAL B 49 -30.43 -11.02 -7.45
N GLU B 50 -29.99 -9.77 -7.25
CA GLU B 50 -29.08 -9.08 -8.16
C GLU B 50 -27.73 -9.81 -8.24
N MET B 51 -27.37 -10.55 -7.19
CA MET B 51 -26.06 -11.16 -7.09
C MET B 51 -26.10 -12.67 -7.34
N VAL B 52 -27.30 -13.25 -7.33
CA VAL B 52 -27.44 -14.65 -7.68
C VAL B 52 -26.97 -14.86 -9.12
N ASP B 53 -26.16 -15.92 -9.32
CA ASP B 53 -25.70 -16.37 -10.62
C ASP B 53 -24.66 -15.40 -11.22
N ASN B 54 -23.88 -14.73 -10.36
CA ASN B 54 -22.90 -13.77 -10.84
C ASN B 54 -21.52 -14.39 -11.10
N LEU B 55 -21.37 -15.71 -10.86
CA LEU B 55 -20.09 -16.37 -11.10
C LEU B 55 -20.14 -17.22 -12.38
N ARG B 56 -18.95 -17.43 -12.94
CA ARG B 56 -18.75 -18.42 -14.00
C ARG B 56 -17.47 -19.18 -13.68
N GLY B 57 -17.30 -20.34 -14.33
CA GLY B 57 -16.07 -21.10 -14.18
C GLY B 57 -16.34 -22.52 -13.76
N LYS B 58 -15.27 -23.18 -13.30
CA LYS B 58 -15.33 -24.59 -12.94
C LYS B 58 -14.13 -24.93 -12.04
N SER B 59 -14.16 -26.10 -11.40
CA SER B 59 -13.16 -26.38 -10.37
C SER B 59 -11.73 -26.45 -10.92
N GLY B 60 -11.56 -26.91 -12.18
CA GLY B 60 -10.23 -27.09 -12.75
C GLY B 60 -9.50 -25.78 -12.98
N GLN B 61 -10.24 -24.69 -13.22
CA GLN B 61 -9.61 -23.45 -13.69
C GLN B 61 -10.00 -22.23 -12.83
N GLY B 62 -10.98 -22.41 -11.94
CA GLY B 62 -11.39 -21.37 -11.02
C GLY B 62 -12.74 -20.74 -11.36
N TYR B 63 -13.36 -20.15 -10.33
CA TYR B 63 -14.61 -19.41 -10.46
C TYR B 63 -14.32 -17.92 -10.38
N TYR B 64 -14.99 -17.13 -11.24
CA TYR B 64 -14.64 -15.73 -11.39
C TYR B 64 -15.90 -14.88 -11.46
N VAL B 65 -15.72 -13.61 -11.10
CA VAL B 65 -16.75 -12.59 -11.08
C VAL B 65 -16.28 -11.44 -11.98
N GLU B 66 -17.24 -10.77 -12.63
CA GLU B 66 -16.93 -9.58 -13.41
C GLU B 66 -16.68 -8.41 -12.47
N MET B 67 -15.61 -7.66 -12.73
CA MET B 67 -15.35 -6.41 -12.01
C MET B 67 -15.00 -5.32 -13.02
N THR B 68 -15.05 -4.07 -12.57
CA THR B 68 -14.48 -3.01 -13.38
C THR B 68 -13.45 -2.27 -12.54
N VAL B 69 -12.40 -1.78 -13.21
CA VAL B 69 -11.36 -1.00 -12.56
C VAL B 69 -11.15 0.27 -13.38
N GLY B 70 -10.94 1.39 -12.68
CA GLY B 70 -10.51 2.61 -13.37
C GLY B 70 -11.66 3.46 -13.91
N SER B 71 -11.29 4.62 -14.47
CA SER B 71 -12.21 5.62 -15.01
C SER B 71 -11.67 6.06 -16.38
N PRO B 72 -12.39 5.75 -17.47
CA PRO B 72 -13.65 5.03 -17.49
C PRO B 72 -13.46 3.56 -17.14
N PRO B 73 -14.54 2.85 -16.74
CA PRO B 73 -14.39 1.47 -16.27
C PRO B 73 -13.82 0.51 -17.31
N GLN B 74 -12.82 -0.27 -16.87
CA GLN B 74 -12.23 -1.35 -17.64
C GLN B 74 -12.75 -2.65 -17.07
N THR B 75 -13.45 -3.44 -17.90
CA THR B 75 -14.04 -4.68 -17.41
C THR B 75 -12.98 -5.79 -17.43
N LEU B 76 -12.91 -6.55 -16.32
CA LEU B 76 -12.04 -7.70 -16.22
C LEU B 76 -12.79 -8.82 -15.50
N ASN B 77 -12.45 -10.07 -15.84
CA ASN B 77 -12.94 -11.23 -15.08
C ASN B 77 -11.91 -11.58 -14.01
N ILE B 78 -12.39 -11.80 -12.77
CA ILE B 78 -11.49 -11.87 -11.62
C ILE B 78 -11.79 -13.12 -10.79
N LEU B 79 -10.77 -13.97 -10.61
CA LEU B 79 -10.86 -15.19 -9.82
C LEU B 79 -11.24 -14.87 -8.37
N VAL B 80 -12.24 -15.59 -7.85
CA VAL B 80 -12.63 -15.45 -6.46
C VAL B 80 -11.71 -16.38 -5.65
N ASP B 81 -10.86 -15.80 -4.78
CA ASP B 81 -9.84 -16.58 -4.11
C ASP B 81 -9.85 -16.33 -2.60
N THR B 82 -10.46 -17.23 -1.82
CA THR B 82 -10.49 -17.09 -0.38
C THR B 82 -9.18 -17.51 0.29
N GLY B 83 -8.18 -17.95 -0.50
CA GLY B 83 -6.90 -18.39 0.04
C GLY B 83 -5.74 -17.40 -0.13
N SER B 84 -6.05 -16.14 -0.51
CA SER B 84 -5.03 -15.10 -0.60
C SER B 84 -5.67 -13.74 -0.31
N SER B 85 -4.87 -12.67 -0.26
CA SER B 85 -5.39 -11.40 0.23
C SER B 85 -5.03 -10.20 -0.65
N ASN B 86 -4.50 -10.46 -1.86
CA ASN B 86 -4.19 -9.38 -2.79
C ASN B 86 -5.22 -9.34 -3.93
N PHE B 87 -5.59 -8.12 -4.30
CA PHE B 87 -6.31 -7.87 -5.53
C PHE B 87 -5.24 -7.60 -6.60
N ALA B 88 -5.08 -8.56 -7.53
CA ALA B 88 -3.97 -8.48 -8.48
C ALA B 88 -4.49 -8.77 -9.88
N VAL B 89 -4.15 -7.91 -10.84
CA VAL B 89 -4.73 -8.01 -12.17
C VAL B 89 -3.63 -7.94 -13.22
N GLY B 90 -3.79 -8.73 -14.29
CA GLY B 90 -2.92 -8.57 -15.45
C GLY B 90 -2.90 -7.11 -15.91
N ALA B 91 -1.69 -6.58 -16.14
CA ALA B 91 -1.54 -5.17 -16.50
C ALA B 91 -0.54 -5.02 -17.66
N ALA B 92 -0.19 -6.13 -18.29
CA ALA B 92 0.72 -6.14 -19.43
C ALA B 92 0.34 -7.34 -20.31
N PRO B 93 0.65 -7.32 -21.62
CA PRO B 93 0.31 -8.46 -22.50
C PRO B 93 0.86 -9.77 -21.97
N HIS B 94 0.04 -10.82 -22.12
CA HIS B 94 0.45 -12.18 -21.82
C HIS B 94 -0.24 -13.09 -22.83
N PRO B 95 0.42 -14.19 -23.29
CA PRO B 95 -0.22 -15.14 -24.19
C PRO B 95 -1.61 -15.60 -23.79
N PHE B 96 -1.91 -15.64 -22.48
CA PHE B 96 -3.17 -16.19 -22.01
C PHE B 96 -4.18 -15.09 -21.62
N LEU B 97 -3.86 -13.82 -21.90
CA LEU B 97 -4.76 -12.72 -21.58
C LEU B 97 -5.29 -12.10 -22.87
N HIS B 98 -6.63 -11.97 -22.96
CA HIS B 98 -7.28 -11.24 -24.05
C HIS B 98 -7.39 -9.76 -23.73
N ARG B 99 -7.38 -9.42 -22.43
CA ARG B 99 -7.37 -8.04 -22.00
C ARG B 99 -6.62 -7.90 -20.69
N TYR B 100 -6.29 -6.65 -20.35
CA TYR B 100 -5.51 -6.36 -19.17
C TYR B 100 -5.76 -4.92 -18.75
N TYR B 101 -5.41 -4.61 -17.50
CA TYR B 101 -5.62 -3.28 -16.91
C TYR B 101 -4.60 -2.32 -17.51
N GLN B 102 -5.10 -1.21 -18.05
CA GLN B 102 -4.27 -0.18 -18.67
C GLN B 102 -4.32 1.06 -17.78
N ARG B 103 -3.30 1.20 -16.91
CA ARG B 103 -3.27 2.26 -15.92
C ARG B 103 -3.27 3.65 -16.56
N GLN B 104 -2.60 3.76 -17.73
CA GLN B 104 -2.44 5.06 -18.38
C GLN B 104 -3.78 5.59 -18.89
N LEU B 105 -4.79 4.70 -19.00
CA LEU B 105 -6.10 5.08 -19.52
C LEU B 105 -7.10 5.38 -18.40
N SER B 106 -6.65 5.28 -17.14
CA SER B 106 -7.52 5.53 -16.02
C SER B 106 -7.20 6.87 -15.36
N SER B 107 -8.18 7.79 -15.35
CA SER B 107 -8.01 9.12 -14.77
C SER B 107 -7.88 9.06 -13.24
N THR B 108 -8.32 7.94 -12.63
CA THR B 108 -8.40 7.82 -11.18
C THR B 108 -7.28 6.95 -10.61
N TYR B 109 -6.39 6.47 -11.49
CA TYR B 109 -5.25 5.69 -11.07
C TYR B 109 -4.31 6.50 -10.16
N ARG B 110 -3.90 5.89 -9.06
CA ARG B 110 -2.88 6.46 -8.18
C ARG B 110 -1.73 5.47 -8.06
N ASP B 111 -0.51 5.94 -8.31
CA ASP B 111 0.69 5.10 -8.24
C ASP B 111 1.21 5.11 -6.79
N LEU B 112 1.38 3.92 -6.20
CA LEU B 112 1.94 3.82 -4.86
C LEU B 112 3.46 3.74 -4.86
N ARG B 113 4.07 3.69 -6.07
CA ARG B 113 5.53 3.72 -6.23
C ARG B 113 6.21 2.58 -5.46
N LYS B 114 5.64 1.37 -5.57
CA LYS B 114 6.11 0.25 -4.78
C LYS B 114 5.86 -1.03 -5.59
N GLY B 115 6.87 -1.90 -5.63
CA GLY B 115 6.77 -3.19 -6.28
C GLY B 115 6.29 -4.27 -5.31
N VAL B 116 5.83 -5.39 -5.89
CA VAL B 116 5.44 -6.54 -5.08
C VAL B 116 5.84 -7.79 -5.86
N TYR B 117 6.58 -8.68 -5.20
CA TYR B 117 7.05 -9.93 -5.78
C TYR B 117 6.55 -11.09 -4.92
N VAL B 118 5.80 -12.00 -5.55
CA VAL B 118 5.12 -13.08 -4.84
C VAL B 118 5.50 -14.42 -5.46
N PRO B 119 6.65 -15.03 -5.07
CA PRO B 119 6.96 -16.40 -5.46
C PRO B 119 6.21 -17.38 -4.55
N TYR B 120 5.70 -18.47 -5.13
CA TYR B 120 4.96 -19.48 -4.37
C TYR B 120 5.28 -20.85 -4.96
N THR B 121 4.71 -21.90 -4.36
CA THR B 121 5.04 -23.27 -4.70
C THR B 121 4.87 -23.51 -6.21
N GLN B 122 3.67 -23.19 -6.72
CA GLN B 122 3.27 -23.58 -8.05
C GLN B 122 3.64 -22.52 -9.10
N GLY B 123 4.13 -21.33 -8.69
CA GLY B 123 4.34 -20.26 -9.66
C GLY B 123 4.85 -18.96 -9.03
N LYS B 124 4.77 -17.86 -9.80
CA LYS B 124 5.17 -16.52 -9.33
C LYS B 124 4.29 -15.46 -9.98
N TRP B 125 4.08 -14.34 -9.27
CA TRP B 125 3.66 -13.13 -9.96
C TRP B 125 4.37 -11.93 -9.37
N GLU B 126 4.54 -10.90 -10.20
CA GLU B 126 5.25 -9.71 -9.76
C GLU B 126 4.53 -8.52 -10.35
N GLY B 127 4.46 -7.44 -9.58
CA GLY B 127 3.77 -6.30 -10.13
C GLY B 127 4.09 -5.01 -9.40
N GLU B 128 3.28 -4.01 -9.74
CA GLU B 128 3.44 -2.66 -9.26
C GLU B 128 2.16 -2.24 -8.54
N LEU B 129 2.31 -1.67 -7.34
CA LEU B 129 1.16 -1.35 -6.51
C LEU B 129 0.61 0.04 -6.87
N GLY B 130 -0.71 0.14 -6.82
CA GLY B 130 -1.43 1.39 -7.00
C GLY B 130 -2.82 1.30 -6.38
N THR B 131 -3.61 2.37 -6.51
CA THR B 131 -5.02 2.30 -6.16
C THR B 131 -5.87 2.81 -7.33
N ASP B 132 -7.13 2.39 -7.36
CA ASP B 132 -8.06 2.88 -8.36
C ASP B 132 -9.48 2.60 -7.87
N LEU B 133 -10.46 3.18 -8.57
CA LEU B 133 -11.86 2.90 -8.29
C LEU B 133 -12.25 1.55 -8.89
N VAL B 134 -13.00 0.78 -8.10
CA VAL B 134 -13.36 -0.58 -8.46
C VAL B 134 -14.86 -0.77 -8.22
N SER B 135 -15.54 -1.47 -9.15
N SER B 135 -15.53 -1.48 -9.13
CA SER B 135 -16.93 -1.83 -9.00
CA SER B 135 -16.93 -1.83 -8.93
C SER B 135 -17.13 -3.31 -9.31
C SER B 135 -17.16 -3.29 -9.33
N ILE B 136 -18.26 -3.85 -8.83
CA ILE B 136 -18.68 -5.20 -9.17
C ILE B 136 -20.07 -5.08 -9.80
N PRO B 137 -20.17 -5.10 -11.15
CA PRO B 137 -21.46 -4.88 -11.83
C PRO B 137 -22.63 -5.71 -11.30
N HIS B 138 -22.38 -6.98 -10.98
CA HIS B 138 -23.43 -7.85 -10.44
C HIS B 138 -23.14 -8.07 -8.96
N GLY B 139 -22.81 -6.99 -8.27
CA GLY B 139 -22.56 -7.02 -6.85
C GLY B 139 -23.34 -5.89 -6.19
N PRO B 140 -22.87 -5.38 -5.04
CA PRO B 140 -23.50 -4.21 -4.43
C PRO B 140 -23.31 -3.00 -5.35
N ASN B 141 -24.28 -2.08 -5.30
CA ASN B 141 -24.26 -0.87 -6.10
C ASN B 141 -23.38 0.17 -5.41
N VAL B 142 -22.08 -0.13 -5.35
CA VAL B 142 -21.10 0.76 -4.72
C VAL B 142 -19.82 0.75 -5.55
N THR B 143 -19.03 1.84 -5.42
CA THR B 143 -17.68 1.94 -5.96
C THR B 143 -16.75 2.18 -4.77
N VAL B 144 -15.59 1.50 -4.78
CA VAL B 144 -14.62 1.71 -3.72
CA VAL B 144 -14.57 1.50 -3.72
C VAL B 144 -13.25 1.98 -4.33
N ARG B 145 -12.45 2.74 -3.57
CA ARG B 145 -11.05 2.90 -3.96
C ARG B 145 -10.25 1.80 -3.27
N ALA B 146 -9.61 0.93 -4.07
CA ALA B 146 -8.94 -0.25 -3.54
C ALA B 146 -7.49 -0.33 -4.04
N ASN B 147 -6.66 -1.03 -3.27
CA ASN B 147 -5.32 -1.41 -3.71
C ASN B 147 -5.43 -2.36 -4.89
N ILE B 148 -4.57 -2.15 -5.90
CA ILE B 148 -4.51 -3.05 -7.05
C ILE B 148 -3.04 -3.31 -7.35
N ALA B 149 -2.66 -4.59 -7.39
CA ALA B 149 -1.35 -4.96 -7.88
C ALA B 149 -1.45 -5.19 -9.38
N ALA B 150 -0.74 -4.34 -10.13
CA ALA B 150 -0.70 -4.44 -11.58
C ALA B 150 0.38 -5.43 -11.99
N ILE B 151 -0.03 -6.63 -12.44
CA ILE B 151 0.91 -7.72 -12.70
C ILE B 151 1.64 -7.47 -14.01
N THR B 152 2.96 -7.41 -13.93
CA THR B 152 3.80 -7.12 -15.09
C THR B 152 4.63 -8.34 -15.51
N GLU B 153 4.89 -9.27 -14.59
CA GLU B 153 5.63 -10.50 -14.89
C GLU B 153 4.98 -11.66 -14.12
N SER B 154 4.96 -12.85 -14.73
CA SER B 154 4.33 -13.99 -14.08
C SER B 154 4.90 -15.31 -14.61
N ASP B 155 4.74 -16.37 -13.80
CA ASP B 155 5.21 -17.71 -14.10
C ASP B 155 4.12 -18.68 -13.63
N LYS B 156 3.42 -19.33 -14.57
CA LYS B 156 2.37 -20.32 -14.30
C LYS B 156 1.27 -19.77 -13.39
N PHE B 157 0.95 -18.48 -13.56
CA PHE B 157 -0.12 -17.84 -12.80
C PHE B 157 -1.41 -17.85 -13.62
N PHE B 158 -1.37 -17.20 -14.79
CA PHE B 158 -2.52 -17.23 -15.68
C PHE B 158 -2.67 -18.63 -16.27
N ILE B 159 -3.93 -18.99 -16.55
CA ILE B 159 -4.31 -20.31 -17.04
C ILE B 159 -4.94 -20.11 -18.41
N ASN B 160 -4.39 -20.82 -19.40
CA ASN B 160 -4.90 -20.79 -20.75
C ASN B 160 -6.36 -21.23 -20.77
N GLY B 161 -7.23 -20.33 -21.24
CA GLY B 161 -8.64 -20.64 -21.47
C GLY B 161 -9.54 -20.50 -20.24
N SER B 162 -8.99 -19.96 -19.13
CA SER B 162 -9.71 -19.86 -17.87
C SER B 162 -10.72 -18.71 -17.87
N ASN B 163 -10.51 -17.73 -18.76
CA ASN B 163 -11.37 -16.56 -18.91
C ASN B 163 -11.16 -15.52 -17.83
N TRP B 164 -10.25 -15.74 -16.87
CA TRP B 164 -10.02 -14.69 -15.88
C TRP B 164 -8.68 -13.99 -16.10
N GLU B 165 -8.61 -12.74 -15.65
CA GLU B 165 -7.51 -11.82 -15.96
C GLU B 165 -6.87 -11.26 -14.69
N GLY B 166 -7.36 -11.71 -13.53
CA GLY B 166 -6.87 -11.20 -12.26
C GLY B 166 -7.46 -12.03 -11.13
N ILE B 167 -7.07 -11.71 -9.90
CA ILE B 167 -7.53 -12.47 -8.73
CA ILE B 167 -7.48 -12.46 -8.73
C ILE B 167 -7.97 -11.51 -7.64
N LEU B 168 -9.01 -11.92 -6.92
CA LEU B 168 -9.54 -11.16 -5.80
C LEU B 168 -9.28 -11.97 -4.54
N GLY B 169 -8.21 -11.61 -3.82
CA GLY B 169 -7.89 -12.30 -2.60
C GLY B 169 -8.82 -11.82 -1.48
N LEU B 170 -9.64 -12.74 -0.96
CA LEU B 170 -10.67 -12.36 -0.02
C LEU B 170 -10.29 -12.66 1.43
N ALA B 171 -9.07 -13.15 1.67
CA ALA B 171 -8.65 -13.42 3.05
C ALA B 171 -8.10 -12.15 3.71
N TYR B 172 -7.41 -12.31 4.84
CA TYR B 172 -7.15 -11.19 5.74
C TYR B 172 -5.78 -10.55 5.48
N ALA B 173 -5.58 -9.34 6.01
CA ALA B 173 -4.38 -8.55 5.78
C ALA B 173 -3.10 -9.29 6.20
N GLU B 174 -3.18 -10.16 7.22
CA GLU B 174 -1.98 -10.80 7.73
C GLU B 174 -1.16 -11.46 6.62
N ILE B 175 -1.82 -12.00 5.59
CA ILE B 175 -1.13 -12.74 4.54
C ILE B 175 -1.06 -11.92 3.23
N ALA B 176 -1.39 -10.62 3.30
CA ALA B 176 -1.23 -9.76 2.12
C ALA B 176 0.24 -9.60 1.79
N ARG B 177 0.55 -9.39 0.50
CA ARG B 177 1.90 -9.07 0.08
C ARG B 177 1.96 -7.64 -0.43
N PRO B 178 3.05 -6.89 -0.16
CA PRO B 178 4.30 -7.39 0.41
C PRO B 178 4.26 -7.56 1.93
N ASP B 179 3.29 -6.93 2.58
CA ASP B 179 3.09 -7.04 4.02
C ASP B 179 1.67 -6.65 4.40
N ASP B 180 1.37 -6.74 5.70
CA ASP B 180 0.01 -6.60 6.20
C ASP B 180 -0.48 -5.14 6.19
N SER B 181 0.38 -4.20 5.76
CA SER B 181 -0.07 -2.82 5.65
C SER B 181 -0.91 -2.61 4.39
N LEU B 182 -0.90 -3.58 3.46
CA LEU B 182 -1.65 -3.42 2.22
C LEU B 182 -3.08 -3.92 2.43
N GLU B 183 -4.00 -2.98 2.60
CA GLU B 183 -5.38 -3.28 2.95
C GLU B 183 -6.01 -4.14 1.86
N PRO B 184 -6.58 -5.32 2.19
CA PRO B 184 -7.26 -6.12 1.16
C PRO B 184 -8.56 -5.49 0.68
N PHE B 185 -9.03 -5.93 -0.50
CA PHE B 185 -10.23 -5.38 -1.13
C PHE B 185 -11.43 -5.39 -0.19
N PHE B 186 -11.71 -6.54 0.44
CA PHE B 186 -12.94 -6.65 1.20
C PHE B 186 -12.92 -5.71 2.40
N ASP B 187 -11.72 -5.51 2.98
CA ASP B 187 -11.55 -4.59 4.08
C ASP B 187 -11.87 -3.16 3.62
N SER B 188 -11.41 -2.78 2.41
CA SER B 188 -11.70 -1.46 1.87
C SER B 188 -13.20 -1.28 1.62
N LEU B 189 -13.83 -2.34 1.07
CA LEU B 189 -15.24 -2.31 0.75
C LEU B 189 -16.08 -2.04 2.01
N VAL B 190 -15.73 -2.73 3.11
CA VAL B 190 -16.48 -2.58 4.34
C VAL B 190 -16.24 -1.20 4.97
N LYS B 191 -15.00 -0.70 4.89
CA LYS B 191 -14.65 0.58 5.48
C LYS B 191 -15.33 1.74 4.74
N GLN B 192 -15.46 1.62 3.42
CA GLN B 192 -15.90 2.75 2.60
C GLN B 192 -17.40 2.73 2.32
N THR B 193 -18.10 1.64 2.67
CA THR B 193 -19.50 1.49 2.32
C THR B 193 -20.31 0.94 3.49
N HIS B 194 -21.62 0.77 3.27
CA HIS B 194 -22.48 0.16 4.28
C HIS B 194 -22.63 -1.34 4.07
N VAL B 195 -21.85 -1.94 3.15
CA VAL B 195 -21.92 -3.37 2.90
C VAL B 195 -21.57 -4.13 4.18
N PRO B 196 -22.44 -5.04 4.70
CA PRO B 196 -22.11 -5.83 5.88
C PRO B 196 -20.85 -6.70 5.70
N ASN B 197 -20.17 -6.95 6.82
CA ASN B 197 -18.87 -7.62 6.80
C ASN B 197 -19.03 -9.14 6.73
N LEU B 198 -19.51 -9.62 5.57
CA LEU B 198 -19.84 -11.02 5.33
C LEU B 198 -19.97 -11.22 3.83
N PHE B 199 -19.54 -12.39 3.34
CA PHE B 199 -19.91 -12.79 1.99
C PHE B 199 -20.15 -14.29 2.00
N SER B 200 -20.82 -14.77 0.96
CA SER B 200 -21.10 -16.19 0.88
C SER B 200 -20.86 -16.68 -0.55
N LEU B 201 -20.44 -17.95 -0.68
CA LEU B 201 -20.12 -18.51 -1.99
C LEU B 201 -20.91 -19.79 -2.25
N GLN B 202 -21.55 -19.85 -3.41
CA GLN B 202 -22.12 -21.09 -3.93
C GLN B 202 -21.40 -21.41 -5.24
N LEU B 203 -20.44 -22.35 -5.20
CA LEU B 203 -19.73 -22.74 -6.42
C LEU B 203 -20.45 -23.96 -7.00
N CYS B 204 -20.80 -23.89 -8.29
CA CYS B 204 -21.66 -24.89 -8.90
C CYS B 204 -20.91 -25.72 -9.93
N GLY B 205 -20.54 -26.96 -9.55
CA GLY B 205 -19.95 -27.89 -10.49
C GLY B 205 -21.04 -28.53 -11.34
N ALA B 206 -20.75 -28.73 -12.63
CA ALA B 206 -21.74 -29.27 -13.55
C ALA B 206 -21.91 -30.78 -13.35
N GLY B 207 -20.83 -31.45 -12.96
CA GLY B 207 -20.83 -32.91 -12.88
C GLY B 207 -20.45 -33.56 -14.22
N PHE B 208 -20.09 -32.73 -15.21
CA PHE B 208 -19.59 -33.18 -16.51
C PHE B 208 -18.70 -32.07 -17.07
N PRO B 209 -17.87 -32.35 -18.10
CA PRO B 209 -16.95 -31.33 -18.62
C PRO B 209 -17.66 -30.18 -19.33
N LEU B 210 -17.08 -28.99 -19.22
CA LEU B 210 -17.49 -27.81 -19.99
C LEU B 210 -16.27 -27.27 -20.72
N ASN B 211 -16.43 -26.92 -22.00
CA ASN B 211 -15.36 -26.26 -22.73
C ASN B 211 -15.41 -24.76 -22.47
N GLN B 212 -14.45 -24.02 -23.05
CA GLN B 212 -14.29 -22.60 -22.77
C GLN B 212 -15.55 -21.83 -23.18
N SER B 213 -16.13 -22.20 -24.34
CA SER B 213 -17.32 -21.54 -24.87
C SER B 213 -18.52 -21.77 -23.95
N GLU B 214 -18.65 -23.01 -23.44
CA GLU B 214 -19.73 -23.37 -22.53
C GLU B 214 -19.58 -22.63 -21.20
N VAL B 215 -18.34 -22.47 -20.69
CA VAL B 215 -18.13 -21.74 -19.46
C VAL B 215 -18.59 -20.30 -19.63
N LEU B 216 -18.21 -19.67 -20.76
CA LEU B 216 -18.56 -18.28 -20.99
C LEU B 216 -20.08 -18.10 -21.02
N ALA B 217 -20.80 -19.16 -21.42
CA ALA B 217 -22.24 -19.07 -21.67
C ALA B 217 -23.07 -19.66 -20.54
N SER B 218 -22.42 -20.17 -19.48
CA SER B 218 -23.09 -20.85 -18.39
C SER B 218 -22.88 -20.12 -17.08
N VAL B 219 -23.84 -20.33 -16.16
CA VAL B 219 -23.75 -19.83 -14.79
C VAL B 219 -22.93 -20.82 -13.96
N GLY B 220 -21.94 -20.31 -13.23
CA GLY B 220 -21.09 -21.18 -12.44
C GLY B 220 -21.34 -21.06 -10.94
N GLY B 221 -22.24 -20.17 -10.51
CA GLY B 221 -22.54 -20.03 -9.09
C GLY B 221 -22.80 -18.58 -8.69
N SER B 222 -22.70 -18.31 -7.37
CA SER B 222 -23.07 -17.01 -6.79
C SER B 222 -22.07 -16.62 -5.71
N MET B 223 -21.69 -15.34 -5.74
CA MET B 223 -21.01 -14.72 -4.62
C MET B 223 -21.93 -13.61 -4.11
N ILE B 224 -22.51 -13.83 -2.93
CA ILE B 224 -23.40 -12.86 -2.32
C ILE B 224 -22.56 -11.98 -1.41
N ILE B 225 -22.39 -10.72 -1.82
CA ILE B 225 -21.53 -9.80 -1.12
C ILE B 225 -22.39 -9.03 -0.12
N GLY B 226 -22.08 -9.25 1.17
CA GLY B 226 -22.75 -8.57 2.27
C GLY B 226 -23.94 -9.33 2.83
N GLY B 227 -24.12 -10.62 2.48
CA GLY B 227 -25.27 -11.32 3.01
C GLY B 227 -25.34 -12.80 2.62
N ILE B 228 -26.48 -13.40 2.96
CA ILE B 228 -26.84 -14.80 2.75
C ILE B 228 -28.12 -14.82 1.92
N ASP B 229 -28.15 -15.64 0.87
CA ASP B 229 -29.39 -15.88 0.12
C ASP B 229 -29.87 -17.30 0.44
N HIS B 230 -31.05 -17.40 1.05
CA HIS B 230 -31.56 -18.66 1.58
C HIS B 230 -31.97 -19.63 0.48
N SER B 231 -32.09 -19.15 -0.77
CA SER B 231 -32.44 -20.01 -1.91
C SER B 231 -31.28 -20.92 -2.33
N LEU B 232 -30.06 -20.66 -1.84
CA LEU B 232 -28.87 -21.30 -2.38
C LEU B 232 -28.52 -22.59 -1.64
N TYR B 233 -29.28 -22.91 -0.58
CA TYR B 233 -28.97 -24.08 0.21
C TYR B 233 -30.25 -24.78 0.67
N THR B 234 -30.08 -26.04 1.10
CA THR B 234 -31.13 -26.82 1.71
C THR B 234 -30.69 -27.17 3.14
N GLY B 235 -31.68 -27.47 4.00
CA GLY B 235 -31.38 -27.80 5.38
C GLY B 235 -30.85 -26.60 6.15
N SER B 236 -30.04 -26.88 7.18
CA SER B 236 -29.58 -25.88 8.14
C SER B 236 -28.14 -25.48 7.84
N LEU B 237 -27.80 -24.22 8.16
CA LEU B 237 -26.42 -23.76 8.22
C LEU B 237 -25.82 -24.13 9.58
N TRP B 238 -24.63 -24.76 9.54
CA TRP B 238 -23.84 -25.04 10.73
C TRP B 238 -22.55 -24.23 10.67
N TYR B 239 -22.12 -23.68 11.82
CA TYR B 239 -21.00 -22.75 11.85
C TYR B 239 -19.82 -23.32 12.63
N THR B 240 -18.63 -23.09 12.07
CA THR B 240 -17.36 -23.44 12.67
C THR B 240 -16.60 -22.15 12.93
N PRO B 241 -15.91 -21.97 14.08
CA PRO B 241 -15.17 -20.73 14.34
C PRO B 241 -14.01 -20.56 13.37
N ILE B 242 -13.75 -19.29 12.96
CA ILE B 242 -12.48 -18.97 12.33
C ILE B 242 -11.45 -18.92 13.46
N ARG B 243 -10.45 -19.79 13.38
CA ARG B 243 -9.51 -19.97 14.47
C ARG B 243 -8.66 -18.70 14.66
N ARG B 244 -8.21 -18.14 13.53
CA ARG B 244 -7.37 -16.94 13.50
C ARG B 244 -7.61 -16.29 12.15
N GLU B 245 -7.64 -14.96 12.12
CA GLU B 245 -7.95 -14.20 10.91
C GLU B 245 -6.68 -13.98 10.12
N TRP B 246 -6.35 -14.95 9.26
CA TRP B 246 -5.25 -14.82 8.33
C TRP B 246 -5.66 -15.44 7.00
N TYR B 247 -5.49 -16.75 6.85
CA TYR B 247 -6.37 -17.54 5.99
C TYR B 247 -7.72 -17.68 6.70
N TYR B 248 -8.71 -18.26 6.01
CA TYR B 248 -9.93 -18.69 6.69
C TYR B 248 -9.64 -20.05 7.34
N GLU B 249 -9.02 -19.99 8.54
CA GLU B 249 -8.52 -21.17 9.22
C GLU B 249 -9.62 -21.79 10.09
N VAL B 250 -9.75 -23.12 9.99
CA VAL B 250 -10.73 -23.89 10.75
C VAL B 250 -10.03 -25.09 11.41
N ILE B 251 -10.79 -25.81 12.26
CA ILE B 251 -10.26 -26.97 12.96
C ILE B 251 -11.12 -28.21 12.62
N ILE B 252 -10.45 -29.24 12.08
CA ILE B 252 -11.05 -30.55 11.78
C ILE B 252 -10.77 -31.49 12.96
N VAL B 253 -11.82 -32.17 13.45
CA VAL B 253 -11.71 -32.93 14.70
C VAL B 253 -11.88 -34.44 14.48
N ARG B 254 -12.33 -34.84 13.28
CA ARG B 254 -12.55 -36.25 12.96
C ARG B 254 -12.69 -36.36 11.44
N VAL B 255 -12.18 -37.46 10.89
CA VAL B 255 -12.37 -37.80 9.48
C VAL B 255 -12.89 -39.22 9.37
N GLU B 256 -13.95 -39.42 8.55
CA GLU B 256 -14.47 -40.75 8.27
C GLU B 256 -14.52 -40.99 6.76
N ILE B 257 -14.32 -42.26 6.40
CA ILE B 257 -14.51 -42.76 5.03
C ILE B 257 -15.60 -43.82 5.10
N ASN B 258 -16.77 -43.55 4.50
CA ASN B 258 -17.94 -44.42 4.63
C ASN B 258 -18.20 -44.79 6.09
N GLY B 259 -18.15 -43.78 6.97
CA GLY B 259 -18.49 -43.99 8.37
C GLY B 259 -17.33 -44.55 9.21
N GLN B 260 -16.25 -45.01 8.57
CA GLN B 260 -15.13 -45.61 9.29
C GLN B 260 -14.14 -44.51 9.66
N ASP B 261 -13.87 -44.38 10.96
CA ASP B 261 -12.95 -43.38 11.51
C ASP B 261 -11.54 -43.64 10.95
N LEU B 262 -10.90 -42.58 10.43
CA LEU B 262 -9.53 -42.68 9.96
C LEU B 262 -8.58 -42.92 11.14
N LYS B 263 -9.02 -42.52 12.36
CA LYS B 263 -8.44 -42.90 13.64
C LYS B 263 -7.02 -42.34 13.81
N MET B 264 -6.81 -41.13 13.30
CA MET B 264 -5.54 -40.47 13.51
C MET B 264 -5.66 -39.46 14.64
N ASP B 265 -4.52 -39.13 15.28
CA ASP B 265 -4.47 -38.00 16.19
C ASP B 265 -5.03 -36.78 15.44
N CYS B 266 -6.00 -36.08 16.03
CA CYS B 266 -6.68 -35.01 15.30
C CYS B 266 -5.72 -33.87 14.93
N LYS B 267 -4.60 -33.75 15.65
CA LYS B 267 -3.59 -32.76 15.29
C LYS B 267 -3.10 -32.99 13.86
N GLU B 268 -3.10 -34.25 13.41
CA GLU B 268 -2.59 -34.57 12.09
C GLU B 268 -3.47 -33.95 11.01
N TYR B 269 -4.78 -33.81 11.27
CA TYR B 269 -5.73 -33.27 10.30
C TYR B 269 -5.50 -31.79 10.06
N ASN B 270 -4.86 -31.12 11.02
CA ASN B 270 -4.71 -29.68 10.99
C ASN B 270 -3.24 -29.27 11.00
N TYR B 271 -2.37 -30.17 10.51
CA TYR B 271 -0.95 -29.89 10.53
C TYR B 271 -0.52 -29.38 9.16
N ASP B 272 -0.10 -28.10 9.04
CA ASP B 272 0.11 -27.14 10.11
C ASP B 272 -1.03 -26.12 10.20
N LYS B 273 -2.04 -26.26 9.31
CA LYS B 273 -3.28 -25.49 9.36
C LYS B 273 -4.31 -26.24 8.52
N SER B 274 -5.58 -25.89 8.69
CA SER B 274 -6.65 -26.26 7.77
C SER B 274 -7.38 -25.00 7.34
N ILE B 275 -7.60 -24.84 6.04
CA ILE B 275 -8.20 -23.60 5.53
C ILE B 275 -9.28 -23.93 4.51
N VAL B 276 -10.16 -22.95 4.26
CA VAL B 276 -11.13 -23.00 3.17
C VAL B 276 -10.64 -22.08 2.06
N ASP B 277 -10.39 -22.64 0.85
CA ASP B 277 -9.67 -21.95 -0.20
C ASP B 277 -10.31 -22.18 -1.57
N SER B 278 -11.09 -21.18 -2.04
CA SER B 278 -11.71 -21.26 -3.36
C SER B 278 -10.69 -21.17 -4.50
N GLY B 279 -9.46 -20.78 -4.17
CA GLY B 279 -8.40 -20.61 -5.16
C GLY B 279 -7.52 -21.85 -5.30
N THR B 280 -8.01 -23.00 -4.82
CA THR B 280 -7.36 -24.29 -4.99
C THR B 280 -8.41 -25.24 -5.54
N THR B 281 -8.04 -26.12 -6.49
CA THR B 281 -8.99 -27.06 -7.09
C THR B 281 -9.35 -28.16 -6.10
N ASN B 282 -8.33 -28.84 -5.56
CA ASN B 282 -8.52 -30.13 -4.88
C ASN B 282 -8.83 -29.98 -3.39
N LEU B 283 -9.34 -31.08 -2.79
CA LEU B 283 -9.16 -31.31 -1.37
C LEU B 283 -7.71 -31.73 -1.17
N ARG B 284 -6.94 -30.93 -0.44
CA ARG B 284 -5.54 -31.27 -0.21
C ARG B 284 -5.39 -31.66 1.26
N LEU B 285 -4.66 -32.74 1.52
CA LEU B 285 -4.53 -33.30 2.86
C LEU B 285 -3.05 -33.41 3.21
N PRO B 286 -2.68 -33.17 4.48
CA PRO B 286 -1.31 -33.41 4.96
C PRO B 286 -0.84 -34.82 4.59
N LYS B 287 0.46 -34.97 4.29
CA LYS B 287 1.03 -36.23 3.80
C LYS B 287 0.48 -37.45 4.53
N LYS B 288 0.53 -37.47 5.88
CA LYS B 288 0.18 -38.65 6.65
C LYS B 288 -1.31 -38.96 6.51
N VAL B 289 -2.12 -37.90 6.50
CA VAL B 289 -3.57 -38.01 6.36
C VAL B 289 -3.91 -38.45 4.94
N PHE B 290 -3.24 -37.87 3.94
CA PHE B 290 -3.44 -38.28 2.55
C PHE B 290 -3.19 -39.78 2.38
N GLU B 291 -2.07 -40.27 2.92
CA GLU B 291 -1.71 -41.67 2.76
C GLU B 291 -2.79 -42.57 3.39
N ALA B 292 -3.30 -42.19 4.56
CA ALA B 292 -4.30 -42.99 5.26
C ALA B 292 -5.64 -42.93 4.52
N ALA B 293 -6.00 -41.74 4.04
CA ALA B 293 -7.26 -41.58 3.32
C ALA B 293 -7.25 -42.38 2.01
N VAL B 294 -6.16 -42.27 1.23
CA VAL B 294 -6.08 -43.02 -0.03
C VAL B 294 -6.16 -44.53 0.24
N LYS B 295 -5.50 -45.01 1.29
CA LYS B 295 -5.54 -46.42 1.62
C LYS B 295 -6.99 -46.84 1.85
N SER B 296 -7.73 -46.01 2.60
CA SER B 296 -9.11 -46.30 2.95
C SER B 296 -10.03 -46.23 1.73
N ILE B 297 -9.82 -45.23 0.85
CA ILE B 297 -10.67 -45.07 -0.32
C ILE B 297 -10.40 -46.21 -1.31
N LYS B 298 -9.13 -46.61 -1.43
CA LYS B 298 -8.79 -47.78 -2.24
C LYS B 298 -9.49 -49.04 -1.72
N ALA B 299 -9.45 -49.25 -0.38
CA ALA B 299 -10.10 -50.42 0.22
C ALA B 299 -11.60 -50.42 -0.04
N ALA B 300 -12.24 -49.26 0.08
CA ALA B 300 -13.69 -49.17 -0.11
C ALA B 300 -14.08 -49.43 -1.56
N SER B 301 -13.23 -49.01 -2.51
CA SER B 301 -13.49 -49.09 -3.94
C SER B 301 -12.84 -50.32 -4.60
N SER B 302 -12.42 -51.31 -3.79
CA SER B 302 -11.52 -52.36 -4.23
C SER B 302 -12.11 -53.31 -5.28
N THR B 303 -13.42 -53.24 -5.54
CA THR B 303 -14.02 -54.08 -6.58
CA THR B 303 -14.03 -54.06 -6.58
C THR B 303 -13.51 -53.68 -7.96
N GLU B 304 -12.96 -52.46 -8.08
CA GLU B 304 -12.30 -52.04 -9.31
C GLU B 304 -10.89 -51.57 -8.94
N LYS B 305 -9.92 -51.88 -9.81
CA LYS B 305 -8.54 -51.51 -9.57
C LYS B 305 -8.15 -50.40 -10.52
N PHE B 306 -7.49 -49.36 -9.99
CA PHE B 306 -7.11 -48.21 -10.78
C PHE B 306 -5.60 -48.03 -10.76
N PRO B 307 -4.99 -47.47 -11.83
CA PRO B 307 -3.56 -47.25 -11.88
C PRO B 307 -3.08 -46.28 -10.80
N ASP B 308 -1.80 -46.40 -10.42
CA ASP B 308 -1.20 -45.51 -9.44
C ASP B 308 -1.38 -44.05 -9.84
N GLY B 309 -1.28 -43.77 -11.15
CA GLY B 309 -1.39 -42.44 -11.70
C GLY B 309 -2.76 -41.80 -11.41
N PHE B 310 -3.80 -42.63 -11.31
CA PHE B 310 -5.12 -42.13 -10.94
C PHE B 310 -5.09 -41.57 -9.51
N TRP B 311 -4.57 -42.38 -8.58
CA TRP B 311 -4.56 -42.01 -7.17
C TRP B 311 -3.63 -40.83 -6.92
N LEU B 312 -2.68 -40.60 -7.83
CA LEU B 312 -1.74 -39.49 -7.73
C LEU B 312 -2.32 -38.21 -8.34
N GLY B 313 -3.55 -38.30 -8.85
CA GLY B 313 -4.28 -37.13 -9.33
C GLY B 313 -3.88 -36.69 -10.73
N GLU B 314 -3.04 -37.50 -11.39
CA GLU B 314 -2.39 -37.18 -12.66
C GLU B 314 -3.15 -37.74 -13.85
N GLN B 315 -3.70 -38.96 -13.71
CA GLN B 315 -4.24 -39.72 -14.84
C GLN B 315 -5.76 -39.79 -14.75
N LEU B 316 -6.43 -39.71 -15.89
CA LEU B 316 -7.88 -39.82 -15.91
C LEU B 316 -8.27 -41.30 -15.90
N VAL B 317 -9.49 -41.56 -15.39
CA VAL B 317 -10.16 -42.84 -15.56
CA VAL B 317 -10.16 -42.84 -15.54
C VAL B 317 -11.48 -42.59 -16.27
N CYS B 318 -11.84 -43.51 -17.18
CA CYS B 318 -13.03 -43.35 -18.02
C CYS B 318 -13.93 -44.57 -17.89
N TRP B 319 -15.24 -44.31 -17.95
CA TRP B 319 -16.25 -45.36 -18.05
C TRP B 319 -17.13 -45.09 -19.26
N GLN B 320 -17.73 -46.17 -19.80
CA GLN B 320 -18.75 -46.01 -20.83
C GLN B 320 -19.81 -45.02 -20.36
N ALA B 321 -20.30 -44.19 -21.29
CA ALA B 321 -21.33 -43.18 -21.05
C ALA B 321 -22.40 -43.69 -20.09
N GLY B 322 -22.55 -42.97 -18.96
CA GLY B 322 -23.65 -43.20 -18.03
C GLY B 322 -23.35 -44.29 -16.99
N THR B 323 -22.20 -44.97 -17.08
CA THR B 323 -21.93 -46.15 -16.27
C THR B 323 -20.94 -45.90 -15.12
N THR B 324 -20.62 -44.63 -14.81
CA THR B 324 -19.73 -44.33 -13.70
C THR B 324 -20.23 -45.05 -12.44
N PRO B 325 -19.41 -45.92 -11.80
CA PRO B 325 -19.89 -46.71 -10.66
C PRO B 325 -19.78 -45.94 -9.35
N TRP B 326 -20.59 -44.88 -9.23
CA TRP B 326 -20.54 -44.01 -8.05
C TRP B 326 -20.58 -44.82 -6.76
N ASN B 327 -21.44 -45.85 -6.74
CA ASN B 327 -21.74 -46.59 -5.51
C ASN B 327 -20.51 -47.31 -4.94
N ILE B 328 -19.48 -47.59 -5.77
CA ILE B 328 -18.32 -48.33 -5.28
C ILE B 328 -17.39 -47.39 -4.52
N PHE B 329 -17.54 -46.07 -4.73
CA PHE B 329 -16.66 -45.11 -4.06
C PHE B 329 -17.34 -44.62 -2.78
N PRO B 330 -16.55 -44.40 -1.70
CA PRO B 330 -17.13 -44.04 -0.41
C PRO B 330 -17.43 -42.55 -0.28
N VAL B 331 -18.30 -42.22 0.68
CA VAL B 331 -18.46 -40.85 1.08
C VAL B 331 -17.33 -40.49 2.05
N ILE B 332 -17.03 -39.18 2.14
CA ILE B 332 -16.00 -38.69 3.04
C ILE B 332 -16.64 -37.66 3.96
N SER B 333 -16.44 -37.82 5.27
CA SER B 333 -16.98 -36.88 6.23
C SER B 333 -15.84 -36.18 6.96
N LEU B 334 -15.92 -34.85 7.02
CA LEU B 334 -15.02 -34.04 7.83
C LEU B 334 -15.85 -33.46 8.97
N TYR B 335 -15.41 -33.71 10.21
CA TYR B 335 -16.08 -33.12 11.36
C TYR B 335 -15.34 -31.85 11.73
N LEU B 336 -16.11 -30.76 11.94
CA LEU B 336 -15.55 -29.45 12.21
C LEU B 336 -15.96 -29.02 13.60
N MET B 337 -15.09 -28.25 14.26
CA MET B 337 -15.42 -27.69 15.57
C MET B 337 -16.66 -26.81 15.46
N GLY B 338 -17.60 -26.97 16.42
CA GLY B 338 -18.80 -26.16 16.41
C GLY B 338 -18.64 -24.89 17.23
N GLU B 339 -19.69 -24.07 17.24
CA GLU B 339 -19.67 -22.83 18.02
C GLU B 339 -20.01 -23.09 19.49
N VAL B 340 -20.74 -24.17 19.77
CA VAL B 340 -21.14 -24.52 21.13
C VAL B 340 -20.00 -25.33 21.75
N THR B 341 -19.71 -25.07 23.04
CA THR B 341 -18.67 -25.79 23.76
C THR B 341 -18.92 -27.29 23.66
N ASN B 342 -17.84 -28.03 23.36
CA ASN B 342 -17.83 -29.48 23.26
C ASN B 342 -18.81 -30.02 22.22
N GLN B 343 -19.01 -29.27 21.14
CA GLN B 343 -19.92 -29.71 20.08
C GLN B 343 -19.20 -29.62 18.73
N SER B 344 -19.41 -30.65 17.90
CA SER B 344 -18.95 -30.60 16.51
C SER B 344 -20.12 -30.88 15.56
N PHE B 345 -19.88 -30.68 14.26
CA PHE B 345 -20.82 -31.12 13.24
C PHE B 345 -20.00 -31.73 12.11
N ARG B 346 -20.65 -32.38 11.13
CA ARG B 346 -19.90 -32.95 10.03
C ARG B 346 -20.45 -32.47 8.70
N ILE B 347 -19.55 -32.39 7.73
CA ILE B 347 -19.91 -32.22 6.33
C ILE B 347 -19.52 -33.50 5.60
N THR B 348 -20.40 -33.96 4.69
CA THR B 348 -20.17 -35.21 4.01
C THR B 348 -20.21 -34.97 2.50
N ILE B 349 -19.15 -35.38 1.80
CA ILE B 349 -19.12 -35.25 0.35
C ILE B 349 -19.16 -36.62 -0.31
N LEU B 350 -19.59 -36.60 -1.56
CA LEU B 350 -19.76 -37.79 -2.37
C LEU B 350 -18.59 -37.91 -3.34
N PRO B 351 -18.41 -39.07 -4.02
CA PRO B 351 -17.50 -39.12 -5.16
C PRO B 351 -17.85 -38.13 -6.26
N GLN B 352 -19.13 -37.70 -6.33
CA GLN B 352 -19.50 -36.70 -7.33
C GLN B 352 -18.80 -35.35 -7.06
N GLN B 353 -18.32 -35.16 -5.82
CA GLN B 353 -17.48 -34.00 -5.51
C GLN B 353 -15.99 -34.29 -5.77
N TYR B 354 -15.46 -35.41 -5.25
CA TYR B 354 -14.01 -35.59 -5.25
C TYR B 354 -13.47 -36.28 -6.52
N LEU B 355 -14.36 -36.71 -7.43
CA LEU B 355 -13.96 -37.10 -8.77
C LEU B 355 -14.34 -35.96 -9.71
N ARG B 356 -13.31 -35.31 -10.27
CA ARG B 356 -13.51 -34.09 -11.03
C ARG B 356 -13.72 -34.46 -12.50
N PRO B 357 -14.86 -34.10 -13.14
CA PRO B 357 -15.06 -34.41 -14.56
C PRO B 357 -14.04 -33.73 -15.47
N VAL B 358 -13.46 -34.53 -16.38
CA VAL B 358 -12.52 -34.03 -17.38
C VAL B 358 -12.88 -34.61 -18.75
N GLU B 359 -12.56 -33.89 -19.82
CA GLU B 359 -12.83 -34.46 -21.13
C GLU B 359 -11.69 -35.38 -21.54
N ASP B 360 -12.04 -36.48 -22.19
CA ASP B 360 -11.14 -37.40 -22.85
C ASP B 360 -10.64 -36.72 -24.13
N VAL B 361 -11.45 -36.85 -25.20
CA VAL B 361 -11.25 -36.20 -26.49
C VAL B 361 -12.63 -35.73 -26.99
N SER B 364 -15.02 -38.70 -27.99
CA SER B 364 -15.33 -39.78 -27.06
C SER B 364 -16.61 -39.45 -26.29
N GLN B 365 -17.46 -40.46 -26.09
CA GLN B 365 -18.66 -40.31 -25.28
C GLN B 365 -18.47 -40.87 -23.88
N ASP B 366 -17.24 -41.28 -23.54
CA ASP B 366 -16.97 -41.81 -22.21
C ASP B 366 -17.11 -40.70 -21.17
N ASP B 367 -17.49 -41.07 -19.95
CA ASP B 367 -17.49 -40.17 -18.81
C ASP B 367 -16.17 -40.36 -18.06
N CYS B 368 -15.36 -39.30 -17.98
CA CYS B 368 -14.01 -39.42 -17.47
C CYS B 368 -13.79 -38.45 -16.31
N TYR B 369 -12.87 -38.82 -15.41
CA TYR B 369 -12.64 -38.06 -14.20
C TYR B 369 -11.19 -38.16 -13.74
N LYS B 370 -10.74 -37.13 -13.00
CA LYS B 370 -9.53 -37.20 -12.22
C LYS B 370 -9.88 -37.22 -10.73
N PHE B 371 -9.00 -37.86 -9.95
CA PHE B 371 -9.12 -37.92 -8.50
C PHE B 371 -8.65 -36.57 -7.95
N ALA B 372 -9.56 -35.86 -7.27
CA ALA B 372 -9.35 -34.47 -6.88
C ALA B 372 -9.03 -34.36 -5.38
N ILE B 373 -8.35 -35.37 -4.85
CA ILE B 373 -7.73 -35.31 -3.52
C ILE B 373 -6.24 -35.50 -3.71
N SER B 374 -5.46 -34.63 -3.06
CA SER B 374 -4.02 -34.68 -3.26
C SER B 374 -3.27 -34.33 -1.98
N GLN B 375 -1.96 -34.63 -1.99
CA GLN B 375 -1.08 -34.43 -0.85
C GLN B 375 -0.70 -32.95 -0.73
N SER B 376 -0.54 -32.49 0.53
CA SER B 376 -0.13 -31.14 0.89
C SER B 376 1.02 -31.20 1.88
N SER B 377 1.90 -30.18 1.81
CA SER B 377 2.90 -29.97 2.86
C SER B 377 2.63 -28.68 3.64
N THR B 378 1.47 -28.04 3.39
CA THR B 378 1.09 -26.77 4.00
C THR B 378 -0.28 -26.88 4.66
N GLY B 379 -0.67 -28.11 5.02
CA GLY B 379 -1.89 -28.36 5.78
C GLY B 379 -3.07 -28.77 4.90
N THR B 380 -4.24 -28.91 5.52
CA THR B 380 -5.45 -29.27 4.81
C THR B 380 -5.96 -28.07 4.03
N VAL B 381 -6.38 -28.29 2.78
CA VAL B 381 -7.02 -27.24 2.00
C VAL B 381 -8.36 -27.74 1.51
N MET B 382 -9.44 -27.08 1.96
CA MET B 382 -10.76 -27.42 1.45
C MET B 382 -11.01 -26.56 0.21
N GLY B 383 -10.62 -27.11 -0.95
CA GLY B 383 -10.66 -26.37 -2.21
C GLY B 383 -12.02 -26.46 -2.91
N ALA B 384 -12.02 -26.09 -4.19
CA ALA B 384 -13.23 -25.86 -4.95
C ALA B 384 -14.06 -27.14 -5.03
N VAL B 385 -13.43 -28.32 -5.17
CA VAL B 385 -14.23 -29.54 -5.32
C VAL B 385 -15.05 -29.83 -4.05
N ILE B 386 -14.53 -29.45 -2.87
CA ILE B 386 -15.28 -29.58 -1.62
C ILE B 386 -16.35 -28.49 -1.54
N MET B 387 -15.98 -27.25 -1.89
CA MET B 387 -16.92 -26.14 -1.79
C MET B 387 -18.10 -26.32 -2.75
N GLU B 388 -17.93 -27.09 -3.83
CA GLU B 388 -19.03 -27.34 -4.77
C GLU B 388 -20.17 -28.13 -4.09
N GLY B 389 -19.87 -28.80 -2.98
CA GLY B 389 -20.89 -29.53 -2.24
C GLY B 389 -21.78 -28.63 -1.40
N PHE B 390 -21.29 -27.42 -1.07
CA PHE B 390 -21.85 -26.64 0.02
C PHE B 390 -22.03 -25.18 -0.35
N TYR B 391 -23.01 -24.57 0.31
CA TYR B 391 -23.07 -23.13 0.40
C TYR B 391 -22.21 -22.72 1.59
N VAL B 392 -21.23 -21.83 1.36
CA VAL B 392 -20.27 -21.50 2.40
C VAL B 392 -20.39 -20.01 2.73
N VAL B 393 -20.59 -19.73 4.02
CA VAL B 393 -20.79 -18.38 4.50
C VAL B 393 -19.54 -17.95 5.25
N PHE B 394 -18.88 -16.91 4.71
CA PHE B 394 -17.69 -16.33 5.31
C PHE B 394 -18.13 -15.17 6.20
N ASP B 395 -18.52 -15.52 7.44
CA ASP B 395 -19.11 -14.57 8.36
C ASP B 395 -18.00 -13.88 9.15
N ARG B 396 -17.33 -12.93 8.49
CA ARG B 396 -16.19 -12.23 9.08
C ARG B 396 -16.61 -11.49 10.36
N ALA B 397 -17.81 -10.90 10.34
CA ALA B 397 -18.32 -10.09 11.45
C ALA B 397 -18.38 -10.90 12.74
N ARG B 398 -18.71 -12.20 12.63
CA ARG B 398 -18.87 -13.07 13.78
C ARG B 398 -17.77 -14.13 13.85
N LYS B 399 -16.69 -13.94 13.07
CA LYS B 399 -15.50 -14.78 13.09
C LYS B 399 -15.88 -16.27 12.97
N ARG B 400 -16.66 -16.61 11.94
CA ARG B 400 -17.15 -17.97 11.79
C ARG B 400 -17.41 -18.28 10.31
N ILE B 401 -17.38 -19.58 9.97
CA ILE B 401 -17.71 -20.02 8.63
CA ILE B 401 -17.66 -20.07 8.63
C ILE B 401 -18.89 -20.98 8.71
N GLY B 402 -19.91 -20.69 7.90
CA GLY B 402 -21.11 -21.54 7.84
C GLY B 402 -21.08 -22.48 6.65
N PHE B 403 -21.62 -23.69 6.84
CA PHE B 403 -21.77 -24.70 5.81
C PHE B 403 -23.23 -25.17 5.79
N ALA B 404 -23.79 -25.26 4.59
CA ALA B 404 -25.07 -25.91 4.34
C ALA B 404 -24.97 -26.68 3.03
N VAL B 405 -25.80 -27.71 2.86
CA VAL B 405 -25.82 -28.45 1.60
C VAL B 405 -26.21 -27.49 0.46
N SER B 406 -25.43 -27.51 -0.62
CA SER B 406 -25.70 -26.64 -1.75
C SER B 406 -26.95 -27.09 -2.51
N ALA B 407 -27.79 -26.13 -2.89
CA ALA B 407 -28.91 -26.41 -3.79
C ALA B 407 -28.42 -26.83 -5.18
N CYS B 408 -27.12 -26.65 -5.49
CA CYS B 408 -26.60 -27.01 -6.80
C CYS B 408 -25.59 -28.17 -6.76
N HIS B 409 -25.51 -28.91 -5.65
CA HIS B 409 -24.52 -29.99 -5.61
C HIS B 409 -24.95 -31.17 -6.47
N VAL B 410 -23.95 -31.85 -7.04
CA VAL B 410 -24.16 -33.01 -7.88
C VAL B 410 -24.31 -34.24 -6.99
N HIS B 411 -25.34 -35.06 -7.26
CA HIS B 411 -25.55 -36.27 -6.47
C HIS B 411 -26.22 -37.32 -7.33
N ASP B 412 -26.67 -38.41 -6.70
CA ASP B 412 -27.39 -39.43 -7.46
C ASP B 412 -28.71 -39.76 -6.75
N GLU B 413 -29.39 -40.83 -7.20
CA GLU B 413 -30.69 -41.17 -6.64
C GLU B 413 -30.56 -41.83 -5.26
N PHE B 414 -29.33 -42.15 -4.81
CA PHE B 414 -29.14 -42.98 -3.63
C PHE B 414 -28.55 -42.19 -2.46
N ARG B 415 -27.77 -41.16 -2.75
CA ARG B 415 -27.02 -40.45 -1.72
C ARG B 415 -26.93 -38.96 -2.09
N THR B 416 -26.87 -38.09 -1.07
CA THR B 416 -26.65 -36.65 -1.24
C THR B 416 -25.51 -36.23 -0.31
N ALA B 417 -24.92 -35.07 -0.60
CA ALA B 417 -24.05 -34.43 0.37
C ALA B 417 -24.87 -34.07 1.61
N ALA B 418 -24.18 -33.82 2.74
CA ALA B 418 -24.87 -33.59 4.00
C ALA B 418 -24.08 -32.64 4.89
N VAL B 419 -24.81 -31.88 5.71
CA VAL B 419 -24.26 -31.13 6.84
C VAL B 419 -25.16 -31.47 8.03
N GLU B 420 -24.57 -32.09 9.06
CA GLU B 420 -25.35 -32.75 10.09
C GLU B 420 -24.68 -32.55 11.44
N GLY B 421 -25.50 -32.46 12.50
CA GLY B 421 -24.98 -32.36 13.84
C GLY B 421 -26.12 -32.38 14.85
N PRO B 422 -25.79 -32.24 16.15
CA PRO B 422 -24.45 -32.11 16.69
C PRO B 422 -23.87 -33.44 17.17
N PHE B 423 -22.56 -33.43 17.45
CA PHE B 423 -21.84 -34.52 18.10
C PHE B 423 -21.11 -33.99 19.32
N VAL B 424 -21.15 -34.75 20.43
CA VAL B 424 -20.36 -34.38 21.58
C VAL B 424 -18.90 -34.66 21.26
N THR B 425 -18.03 -33.64 21.43
CA THR B 425 -16.62 -33.79 21.12
C THR B 425 -15.81 -33.00 22.14
N LEU B 426 -14.87 -33.67 22.81
CA LEU B 426 -14.09 -33.02 23.86
C LEU B 426 -12.74 -32.57 23.35
N ASP B 427 -12.17 -31.56 24.05
CA ASP B 427 -10.80 -31.10 23.89
C ASP B 427 -10.53 -30.75 22.42
N MET B 428 -11.47 -30.06 21.78
CA MET B 428 -11.33 -29.81 20.35
C MET B 428 -10.20 -28.81 20.07
N GLU B 429 -9.96 -27.88 21.01
CA GLU B 429 -8.90 -26.90 20.84
C GLU B 429 -7.54 -27.58 20.66
N ASP B 430 -7.37 -28.78 21.24
CA ASP B 430 -6.15 -29.56 21.19
C ASP B 430 -5.86 -30.10 19.79
N CYS B 431 -6.85 -30.02 18.88
CA CYS B 431 -6.67 -30.49 17.52
C CYS B 431 -5.91 -29.47 16.68
N GLY B 432 -5.85 -28.21 17.16
CA GLY B 432 -5.17 -27.16 16.43
C GLY B 432 -3.66 -27.25 16.59
N TYR B 433 -2.92 -26.85 15.53
CA TYR B 433 -1.46 -26.86 15.57
C TYR B 433 -0.95 -25.56 16.16
N ASN B 434 0.09 -25.68 17.00
CA ASN B 434 0.78 -24.51 17.55
C ASN B 434 2.25 -24.58 17.10
C7 QJJ C . 7.04 21.91 10.99
C6 QJJ C . 11.13 25.92 10.51
C1 QJJ C . 5.28 20.65 7.91
C5 QJJ C . 6.78 21.35 9.62
C4 QJJ C . 6.39 20.48 7.07
C3 QJJ C . 7.63 20.77 7.57
C2 QJJ C . 5.46 21.12 9.21
F22 QJJ C . 6.33 20.06 5.82
N16 QJJ C . 7.83 21.20 8.81
O20 QJJ C . 6.30 21.61 11.89
N19 QJJ C . 8.14 22.77 11.08
C14 QJJ C . 8.54 23.52 12.25
C8 QJJ C . 8.93 23.08 13.61
C12 QJJ C . 9.94 23.71 12.69
C15 QJJ C . 10.65 25.05 12.85
N17 QJJ C . 11.38 25.21 11.57
C10 QJJ C . 11.71 24.99 13.96
O21 QJJ C . 12.08 26.32 14.28
C9 QJJ C . 10.78 26.91 14.39
C13 QJJ C . 9.93 26.36 13.27
C11 QJJ C . 9.63 27.45 12.27
S23 QJJ C . 9.89 27.14 10.49
N18 QJJ C . 11.80 25.71 9.39
C8 QJM D . 5.29 15.55 -19.86
C9 QJM D . 6.37 15.23 -24.80
C7 QJM D . 4.83 11.70 -20.07
C6 QJM D . 8.51 14.47 -22.16
C5 QJM D . 3.90 10.70 -19.46
C4 QJM D . 2.18 8.98 -18.19
C3 QJM D . 2.42 10.24 -17.71
C2 QJM D . 3.72 9.44 -20.02
C1 QJM D . 2.85 8.58 -19.36
F22 QJM D . 1.33 8.18 -17.54
N16 QJM D . 3.26 11.09 -18.33
O20 QJM D . 5.56 11.34 -20.97
N19 QJM D . 4.80 12.99 -19.55
C14 QJM D . 5.61 14.10 -19.98
C12 QJM D . 5.25 14.88 -21.20
C15 QJM D . 6.12 15.19 -22.41
N17 QJM D . 7.53 15.29 -21.94
C10 QJM D . 5.78 16.54 -23.03
O21 QJM D . 6.42 16.55 -24.29
C13 QJM D . 5.92 14.32 -23.67
C11 QJM D . 6.66 13.01 -23.76
S23 QJM D . 8.43 13.19 -23.34
N18 QJM D . 9.64 14.57 -21.50
C1 GOL E . -6.39 10.45 -9.21
O1 GOL E . -7.71 10.28 -8.66
C2 GOL E . -5.65 11.53 -8.44
O2 GOL E . -5.75 11.31 -7.04
C3 GOL E . -4.17 11.47 -8.80
O3 GOL E . -3.97 12.33 -9.91
C1 GOL F . 9.59 6.91 26.35
O1 GOL F . 10.03 6.56 25.04
C2 GOL F . 8.33 6.15 26.75
O2 GOL F . 8.15 4.99 25.93
C3 GOL F . 8.45 5.69 28.19
O3 GOL F . 7.54 6.45 29.00
S SO4 G . -4.50 19.96 6.40
S SO4 G . -2.10 17.06 6.31
O1 SO4 G . -5.71 19.17 6.08
O1 SO4 G . -2.63 15.98 7.18
O2 SO4 G . -4.42 20.14 7.87
O2 SO4 G . -1.24 17.95 7.12
O3 SO4 G . -4.63 21.31 5.80
O3 SO4 G . -3.22 17.83 5.72
O4 SO4 G . -3.29 19.26 5.94
O4 SO4 G . -1.29 16.49 5.22
C7 QJJ H . -5.76 -20.90 -9.34
C6 QJJ H . -4.32 -19.62 -3.92
C1 QJJ H . -8.32 -23.53 -10.13
C5 QJJ H . -7.00 -21.71 -9.35
C4 QJJ H . -9.27 -23.22 -9.15
C3 QJJ H . -9.00 -22.17 -8.30
C2 QJJ H . -7.15 -22.79 -10.25
F22 QJJ H . -10.41 -23.86 -8.96
N16 QJJ H . -7.89 -21.42 -8.39
O20 QJJ H . -5.10 -20.80 -10.35
N19 QJJ H . -5.41 -20.35 -8.10
C14 QJJ H . -4.21 -19.62 -7.82
C8 QJJ H . -3.67 -18.36 -8.41
C12 QJJ H . -4.14 -18.41 -6.98
C15 QJJ H . -3.25 -18.24 -5.76
N17 QJJ H . -4.15 -18.53 -4.62
C10 QJJ H . -2.81 -16.80 -5.59
O21 QJJ H . -1.63 -16.78 -4.83
C9 QJJ H . -0.91 -17.78 -5.49
C13 QJJ H . -1.87 -18.95 -5.63
C11 QJJ H . -1.65 -19.99 -4.58
S23 QJJ H . -3.14 -20.90 -3.99
N18 QJJ H . -5.34 -19.81 -3.14
C7 QJJ I . -5.30 1.88 4.62
C6 QJJ I . -5.08 2.52 0.01
C1 QJJ I . -2.95 0.05 6.88
C5 QJJ I . -4.66 1.33 5.84
C4 QJJ I . -3.57 0.34 8.11
C3 QJJ I . -4.71 1.10 8.13
C2 QJJ I . -3.51 0.56 5.72
F22 QJJ I . -3.06 -0.11 9.25
N16 QJJ I . -5.27 1.61 7.02
O20 QJJ I . -4.84 1.61 3.54
N19 QJJ I . -6.42 2.67 4.82
C14 QJJ I . -7.18 3.25 3.77
C8 QJJ I . -7.80 4.60 3.66
C12 QJJ I . -6.62 4.23 2.79
C15 QJJ I . -6.68 4.09 1.28
N17 QJJ I . -5.38 3.53 0.80
C10 QJJ I . -6.84 5.43 0.58
O21 QJJ I . -7.22 5.11 -0.75
C9 QJJ I . -8.23 4.12 -0.58
C13 QJJ I . -7.90 3.34 0.69
C11 QJJ I . -7.76 1.85 0.39
S23 QJJ I . -6.31 1.46 -0.64
N18 QJJ I . -3.81 2.28 -0.31
C7 QJJ J . -21.05 -26.08 -27.56
C6 QJJ J . -23.74 -29.12 -25.20
C1 QJJ J . -21.37 -22.35 -27.84
C5 QJJ J . -20.79 -24.65 -27.89
C4 QJJ J . -20.26 -22.11 -28.64
C3 QJJ J . -19.47 -23.17 -29.04
C2 QJJ J . -21.67 -23.66 -27.44
F22 QJJ J . -19.93 -20.89 -29.02
N16 QJJ J . -19.71 -24.43 -28.68
O20 QJJ J . -22.10 -26.37 -27.04
N19 QJJ J . -20.07 -26.98 -27.89
C14 QJJ J . -20.23 -28.39 -27.67
C8 QJJ J . -19.19 -29.39 -27.27
C12 QJJ J . -20.31 -29.01 -26.32
C15 QJJ J . -21.40 -29.96 -25.87
N17 QJJ J . -22.42 -29.19 -25.10
C10 QJJ J . -20.86 -31.00 -24.91
O21 QJJ J . -21.88 -32.00 -24.80
C9 QJJ J . -22.28 -32.19 -26.15
C13 QJJ J . -22.03 -30.90 -26.92
C11 QJJ J . -23.28 -30.41 -27.61
S23 QJJ J . -24.62 -30.01 -26.43
N18 QJJ J . -24.47 -28.38 -24.38
C8 QJM K . -30.50 -39.14 -2.35
C9 QJM K . -34.25 -41.40 0.15
C7 QJM K . -33.23 -38.27 -4.95
C6 QJM K . -33.64 -38.05 0.10
C5 QJM K . -33.31 -38.17 -6.44
C4 QJM K . -33.31 -37.94 -9.15
C3 QJM K . -32.14 -37.88 -8.42
C2 QJM K . -34.54 -38.24 -7.09
C1 QJM K . -34.53 -38.14 -8.47
F22 QJM K . -33.24 -37.83 -10.46
N16 QJM K . -32.13 -37.98 -7.08
O20 QJM K . -34.27 -38.24 -4.32
N19 QJM K . -31.96 -38.39 -4.38
C14 QJM K . -31.69 -38.50 -2.98
C12 QJM K . -31.85 -39.81 -2.26
C15 QJM K . -32.64 -40.07 -1.01
N17 QJM K . -32.64 -38.84 -0.17
C10 QJM K . -32.02 -41.15 -0.14
O21 QJM K . -32.99 -41.50 0.81
C13 QJM K . -34.02 -40.72 -1.18
C11 QJM K . -35.19 -39.85 -1.51
S23 QJM K . -35.28 -38.40 -0.40
N18 QJM K . -33.47 -36.94 0.78
C1 GOL L . -24.04 -38.70 -17.63
O1 GOL L . -23.50 -39.23 -18.86
C2 GOL L . -22.93 -38.10 -16.75
O2 GOL L . -22.09 -37.22 -17.50
C3 GOL L . -23.58 -37.28 -15.65
O3 GOL L . -23.74 -38.16 -14.54
C1 GOL M . -6.07 -4.55 -23.10
O1 GOL M . -7.36 -4.64 -22.50
C2 GOL M . -6.10 -4.68 -24.62
O2 GOL M . -7.42 -4.56 -25.14
C3 GOL M . -5.24 -3.55 -25.17
O3 GOL M . -4.71 -3.88 -26.46
S SO4 N . 3.88 -19.80 -18.41
O1 SO4 N . 2.52 -20.42 -18.35
O2 SO4 N . 4.30 -19.23 -17.12
O3 SO4 N . 3.89 -18.71 -19.41
O4 SO4 N . 4.85 -20.87 -18.80
S SO4 O . -7.39 -30.98 -16.55
S SO4 O . -10.01 -28.42 -16.71
O1 SO4 O . -6.87 -31.98 -15.59
O1 SO4 O . -9.69 -29.84 -16.98
O2 SO4 O . -8.48 -30.17 -15.96
O2 SO4 O . -11.29 -28.36 -15.98
O3 SO4 O . -6.29 -30.07 -16.91
O3 SO4 O . -8.96 -27.80 -15.88
O4 SO4 O . -7.91 -31.69 -17.74
O4 SO4 O . -10.11 -27.68 -18.00
#